data_8VBS
#
_entry.id   8VBS
#
_cell.length_a   91.492
_cell.length_b   130.567
_cell.length_c   101.185
_cell.angle_alpha   90.00
_cell.angle_beta   90.00
_cell.angle_gamma   90.00
#
_symmetry.space_group_name_H-M   'P 21 21 2'
#
loop_
_entity.id
_entity.type
_entity.pdbx_description
1 polymer 'Cysteine desulfurase'
2 polymer 'Cysteine desulfuration protein SufE'
#
loop_
_entity_poly.entity_id
_entity_poly.type
_entity_poly.pdbx_seq_one_letter_code
_entity_poly.pdbx_strand_id
1 'polypeptide(L)'
;MIFSVDKVRADFPVLSREVNGLPLAYLDSAASAQKPSQVIDAEAEFYRHGYAAVHRGIHTLSAQATEKMENVRKRASLFI
NARSAEELVFVRGTTEGINLVANSWGNSNVRAGDNIIISQMEHHANIVPWQMLCARVGAELRVIPLNPDGTLQLETLPTL
FDEKTRLLAITHVSNVLGTENPLAEMITLAHQHGAKVLVDGAQAVMHHPVDVQALDCDFYVFSGH(LLP)LYGPTGIGIL
YVKEALLQEMPPWEGGGSMIATVSLSEGTTWTKAPWRFEAGTPNTGGIIGLGAALEYVSALGLNNIAEYEQNLMHYALSQ
LESVPDLTLYGPQNRLGVIAFNLGKHHAYDVGSFLDNYGIAVRTGHH(CSS)AMPLMAYYNVPAMCRASLAMYNTHEEVD
RLVTGLQRIHRLLG
;
A,B
2 'polypeptide(L)'
;MALLPDKEKLLRNFLRCANWEEKYLYIIELGQRLPELRDEDRSPQNSIQGAQSQVWIVMRQNAQGIIELQGDSDAAIVKG
LIAVVFILYDQMTPQDIVNFDVRPWFCKMALTQHLTPSRSQGLEAMIRAIRAKAAALS
;
C,D
#
# COMPACT_ATOMS: atom_id res chain seq x y z
N ILE A 2 25.60 -26.57 -3.33
CA ILE A 2 25.01 -26.70 -2.00
C ILE A 2 24.78 -25.32 -1.38
N PHE A 3 24.50 -25.30 -0.07
CA PHE A 3 24.17 -24.09 0.66
C PHE A 3 25.31 -23.70 1.60
N SER A 4 25.31 -22.42 2.00
CA SER A 4 26.33 -21.89 2.90
C SER A 4 25.70 -20.73 3.67
N VAL A 5 25.40 -20.95 4.95
CA VAL A 5 24.70 -19.95 5.75
C VAL A 5 25.58 -18.75 6.08
N ASP A 6 26.90 -18.91 6.06
CA ASP A 6 27.78 -17.77 6.33
C ASP A 6 27.64 -16.70 5.24
N LYS A 7 27.84 -17.11 3.98
CA LYS A 7 27.69 -16.17 2.88
C LYS A 7 26.30 -15.55 2.86
N VAL A 8 25.28 -16.31 3.27
CA VAL A 8 23.92 -15.79 3.28
C VAL A 8 23.77 -14.72 4.34
N ARG A 9 24.16 -15.02 5.57
CA ARG A 9 24.11 -14.03 6.64
C ARG A 9 24.93 -12.80 6.27
N ALA A 10 25.97 -12.98 5.45
CA ALA A 10 26.80 -11.85 5.05
C ALA A 10 25.96 -10.72 4.46
N ASP A 11 24.93 -11.08 3.70
CA ASP A 11 24.11 -10.11 2.99
C ASP A 11 23.03 -9.47 3.86
N PHE A 12 22.90 -9.88 5.12
CA PHE A 12 21.87 -9.33 5.99
C PHE A 12 22.51 -8.40 7.01
N PRO A 13 22.53 -7.09 6.78
CA PRO A 13 23.12 -6.19 7.78
C PRO A 13 22.49 -6.31 9.15
N VAL A 14 21.16 -6.51 9.22
CA VAL A 14 20.48 -6.61 10.51
C VAL A 14 21.10 -7.70 11.36
N LEU A 15 21.54 -8.79 10.73
CA LEU A 15 22.17 -9.91 11.42
C LEU A 15 23.52 -9.56 12.04
N SER A 16 23.90 -8.29 12.12
CA SER A 16 25.08 -7.87 12.87
C SER A 16 24.72 -6.86 13.96
N ARG A 17 23.47 -6.86 14.40
CA ARG A 17 22.95 -5.89 15.35
C ARG A 17 22.99 -6.51 16.75
N GLU A 18 23.26 -5.65 17.75
CA GLU A 18 23.31 -6.07 19.15
C GLU A 18 21.97 -5.73 19.81
N VAL A 19 21.34 -6.74 20.41
CA VAL A 19 20.06 -6.57 21.07
C VAL A 19 20.29 -6.68 22.58
N ASN A 20 19.91 -5.64 23.32
CA ASN A 20 20.03 -5.59 24.77
C ASN A 20 21.46 -5.71 25.27
N GLY A 21 22.44 -5.57 24.38
CA GLY A 21 23.84 -5.73 24.73
C GLY A 21 24.46 -7.01 24.21
N LEU A 22 23.67 -7.88 23.60
CA LEU A 22 24.15 -9.18 23.16
C LEU A 22 23.84 -9.38 21.69
N PRO A 23 24.67 -10.13 20.98
CA PRO A 23 24.41 -10.39 19.55
C PRO A 23 22.98 -10.88 19.34
N LEU A 24 22.32 -10.32 18.33
CA LEU A 24 20.95 -10.69 18.03
C LEU A 24 20.87 -12.09 17.45
N ALA A 25 19.74 -12.76 17.71
CA ALA A 25 19.42 -14.05 17.08
C ALA A 25 17.95 -13.96 16.63
N TYR A 26 17.74 -13.40 15.44
CA TYR A 26 16.39 -13.10 14.95
C TYR A 26 15.69 -14.40 14.56
N LEU A 27 14.79 -14.85 15.44
CA LEU A 27 13.98 -16.06 15.23
C LEU A 27 12.52 -15.71 15.00
N ASP A 28 12.25 -14.49 14.52
CA ASP A 28 10.90 -13.99 14.32
C ASP A 28 10.62 -13.71 12.84
N SER A 29 11.31 -14.41 11.95
CA SER A 29 11.12 -14.15 10.52
C SER A 29 9.72 -14.55 10.06
N ALA A 30 9.08 -15.49 10.76
CA ALA A 30 7.72 -15.89 10.38
C ALA A 30 6.73 -14.74 10.54
N ALA A 31 7.03 -13.79 11.43
CA ALA A 31 6.26 -12.55 11.47
C ALA A 31 6.78 -11.55 10.45
N SER A 32 8.05 -11.66 10.06
CA SER A 32 8.66 -10.74 9.11
C SER A 32 10.13 -11.13 8.91
N ALA A 33 10.58 -11.16 7.66
CA ALA A 33 11.92 -11.60 7.32
C ALA A 33 12.83 -10.40 7.08
N GLN A 34 14.10 -10.55 7.46
CA GLN A 34 15.07 -9.48 7.27
C GLN A 34 15.40 -9.33 5.79
N LYS A 35 15.83 -8.13 5.42
CA LYS A 35 16.11 -8.00 4.01
C LYS A 35 17.60 -8.08 3.74
N PRO A 36 18.01 -8.74 2.66
CA PRO A 36 19.41 -8.62 2.24
C PRO A 36 19.66 -7.23 1.67
N SER A 37 20.91 -6.77 1.79
CA SER A 37 21.23 -5.47 1.24
C SER A 37 20.89 -5.37 -0.25
N GLN A 38 20.72 -6.50 -0.93
CA GLN A 38 20.37 -6.45 -2.34
C GLN A 38 19.02 -5.77 -2.56
N VAL A 39 18.01 -6.11 -1.75
CA VAL A 39 16.68 -5.52 -1.93
C VAL A 39 16.68 -4.05 -1.54
N ILE A 40 17.25 -3.75 -0.36
CA ILE A 40 17.42 -2.37 0.07
C ILE A 40 18.05 -1.54 -1.03
N ASP A 41 19.07 -2.09 -1.67
CA ASP A 41 19.83 -1.33 -2.67
C ASP A 41 19.12 -1.23 -4.01
N ALA A 42 18.40 -2.28 -4.43
CA ALA A 42 17.58 -2.14 -5.61
C ALA A 42 16.58 -1.00 -5.44
N GLU A 43 15.92 -0.95 -4.28
CA GLU A 43 14.96 0.13 -4.04
C GLU A 43 15.64 1.49 -4.01
N ALA A 44 16.79 1.58 -3.32
CA ALA A 44 17.50 2.85 -3.22
C ALA A 44 18.01 3.33 -4.58
N GLU A 45 18.54 2.41 -5.39
CA GLU A 45 19.01 2.78 -6.71
C GLU A 45 17.86 3.22 -7.60
N PHE A 46 16.73 2.54 -7.54
CA PHE A 46 15.57 3.02 -8.30
C PHE A 46 15.16 4.43 -7.86
N TYR A 47 15.23 4.72 -6.56
CA TYR A 47 14.88 6.05 -6.11
C TYR A 47 15.93 7.08 -6.50
N ARG A 48 17.19 6.66 -6.64
CA ARG A 48 18.30 7.59 -6.87
C ARG A 48 18.56 7.88 -8.35
N HIS A 49 18.31 6.91 -9.24
CA HIS A 49 18.81 7.00 -10.61
C HIS A 49 17.74 6.78 -11.67
N GLY A 50 16.47 6.73 -11.31
CA GLY A 50 15.47 6.52 -12.35
C GLY A 50 14.03 6.49 -11.89
N TYR A 51 13.69 7.27 -10.87
CA TYR A 51 12.31 7.32 -10.40
C TYR A 51 11.49 8.31 -11.20
N ALA A 52 10.21 7.99 -11.37
CA ALA A 52 9.22 8.83 -12.04
C ALA A 52 7.88 8.10 -11.98
N ALA A 53 6.80 8.87 -12.04
CA ALA A 53 5.47 8.26 -12.07
C ALA A 53 5.42 7.21 -13.17
N VAL A 54 4.52 6.22 -13.05
CA VAL A 54 4.60 5.02 -13.87
C VAL A 54 3.39 4.84 -14.77
N HIS A 55 2.54 5.86 -14.92
CA HIS A 55 1.29 5.71 -15.65
C HIS A 55 1.51 5.89 -17.15
N ARG A 56 2.24 4.93 -17.72
CA ARG A 56 2.68 4.97 -19.12
C ARG A 56 3.04 6.39 -19.53
N GLY A 57 3.72 7.12 -18.65
CA GLY A 57 4.10 8.48 -18.90
C GLY A 57 4.81 8.65 -20.23
N ILE A 58 4.74 9.86 -20.80
CA ILE A 58 5.32 10.06 -22.12
C ILE A 58 6.83 10.24 -22.06
N HIS A 59 7.39 10.58 -20.90
CA HIS A 59 8.82 10.86 -20.80
C HIS A 59 9.59 9.61 -20.38
N THR A 60 10.89 9.63 -20.69
CA THR A 60 11.70 8.42 -20.62
C THR A 60 11.65 7.78 -19.24
N LEU A 61 11.87 8.57 -18.18
CA LEU A 61 11.90 8.00 -16.84
C LEU A 61 10.58 7.29 -16.53
N SER A 62 9.46 7.87 -16.94
CA SER A 62 8.16 7.25 -16.63
C SER A 62 7.97 5.95 -17.38
N ALA A 63 8.33 5.91 -18.66
CA ALA A 63 8.16 4.69 -19.44
C ALA A 63 9.10 3.60 -18.96
N GLN A 64 10.35 3.96 -18.66
CA GLN A 64 11.27 3.01 -18.06
C GLN A 64 10.74 2.45 -16.75
N ALA A 65 10.16 3.31 -15.90
CA ALA A 65 9.63 2.84 -14.62
C ALA A 65 8.45 1.89 -14.82
N THR A 66 7.56 2.21 -15.77
CA THR A 66 6.45 1.31 -16.06
C THR A 66 6.95 -0.04 -16.54
N GLU A 67 7.99 -0.02 -17.38
CA GLU A 67 8.57 -1.28 -17.83
C GLU A 67 9.20 -2.06 -16.68
N LYS A 68 9.85 -1.36 -15.76
CA LYS A 68 10.43 -2.03 -14.59
C LYS A 68 9.35 -2.71 -13.76
N MET A 69 8.26 -1.98 -13.48
CA MET A 69 7.17 -2.57 -12.72
C MET A 69 6.58 -3.79 -13.43
N GLU A 70 6.42 -3.70 -14.76
CA GLU A 70 5.84 -4.83 -15.48
C GLU A 70 6.80 -6.02 -15.58
N ASN A 71 8.10 -5.74 -15.64
CA ASN A 71 9.08 -6.84 -15.61
C ASN A 71 9.08 -7.51 -14.24
N VAL A 72 8.91 -6.74 -13.18
CA VAL A 72 8.76 -7.34 -11.85
C VAL A 72 7.47 -8.16 -11.78
N ARG A 73 6.41 -7.70 -12.44
CA ARG A 73 5.18 -8.50 -12.51
C ARG A 73 5.41 -9.82 -13.22
N LYS A 74 6.21 -9.79 -14.29
CA LYS A 74 6.53 -11.04 -14.99
C LYS A 74 7.38 -11.96 -14.11
N ARG A 75 8.36 -11.39 -13.41
CA ARG A 75 9.16 -12.18 -12.48
C ARG A 75 8.29 -12.84 -11.42
N ALA A 76 7.32 -12.08 -10.90
CA ALA A 76 6.37 -12.67 -9.94
C ALA A 76 5.61 -13.82 -10.56
N SER A 77 4.99 -13.59 -11.72
CA SER A 77 4.21 -14.65 -12.35
C SER A 77 5.05 -15.89 -12.63
N LEU A 78 6.34 -15.70 -12.94
CA LEU A 78 7.21 -16.84 -13.22
C LEU A 78 7.73 -17.51 -11.96
N PHE A 79 7.77 -16.80 -10.83
CA PHE A 79 8.18 -17.36 -9.56
C PHE A 79 7.21 -18.46 -9.13
N ILE A 80 5.96 -18.08 -8.86
CA ILE A 80 4.93 -19.07 -8.57
C ILE A 80 4.62 -19.94 -9.77
N ASN A 81 5.01 -19.50 -10.97
CA ASN A 81 4.77 -20.25 -12.20
C ASN A 81 3.30 -20.19 -12.62
N ALA A 82 2.79 -18.97 -12.80
CA ALA A 82 1.45 -18.79 -13.35
C ALA A 82 1.53 -18.72 -14.87
N ARG A 83 0.42 -19.07 -15.53
CA ARG A 83 0.39 -19.06 -16.99
C ARG A 83 0.81 -17.70 -17.53
N SER A 84 0.09 -16.65 -17.14
CA SER A 84 0.29 -15.31 -17.67
C SER A 84 0.82 -14.39 -16.58
N ALA A 85 1.61 -13.39 -16.99
CA ALA A 85 1.98 -12.31 -16.09
C ALA A 85 0.78 -11.43 -15.74
N GLU A 86 -0.27 -11.47 -16.56
CA GLU A 86 -1.51 -10.76 -16.29
C GLU A 86 -2.43 -11.52 -15.33
N GLU A 87 -1.97 -12.62 -14.76
CA GLU A 87 -2.72 -13.34 -13.73
C GLU A 87 -2.30 -12.95 -12.32
N LEU A 88 -1.55 -11.87 -12.18
CA LEU A 88 -1.07 -11.39 -10.88
C LEU A 88 -1.49 -9.95 -10.68
N VAL A 89 -1.85 -9.61 -9.45
CA VAL A 89 -2.20 -8.25 -9.07
C VAL A 89 -1.34 -7.83 -7.89
N PHE A 90 -0.82 -6.60 -7.95
CA PHE A 90 -0.10 -6.00 -6.84
C PHE A 90 -1.11 -5.44 -5.84
N VAL A 91 -0.91 -5.77 -4.57
CA VAL A 91 -1.70 -5.29 -3.46
C VAL A 91 -0.75 -4.89 -2.35
N ARG A 92 -1.29 -4.51 -1.20
CA ARG A 92 -0.41 -4.12 -0.10
C ARG A 92 0.10 -5.33 0.68
N GLY A 93 -0.65 -6.43 0.68
CA GLY A 93 -0.28 -7.63 1.41
C GLY A 93 -1.38 -8.66 1.40
N THR A 94 -1.04 -9.90 1.80
CA THR A 94 -1.99 -11.01 1.84
C THR A 94 -3.35 -10.59 2.41
N THR A 95 -3.34 -9.70 3.40
CA THR A 95 -4.60 -9.26 3.99
C THR A 95 -5.45 -8.49 2.98
N GLU A 96 -4.86 -7.48 2.33
CA GLU A 96 -5.60 -6.73 1.33
C GLU A 96 -6.00 -7.61 0.15
N GLY A 97 -5.15 -8.57 -0.21
CA GLY A 97 -5.48 -9.46 -1.31
C GLY A 97 -6.69 -10.32 -1.00
N ILE A 98 -6.75 -10.87 0.21
CA ILE A 98 -7.91 -11.68 0.59
C ILE A 98 -9.15 -10.81 0.70
N ASN A 99 -9.02 -9.60 1.25
CA ASN A 99 -10.16 -8.67 1.28
C ASN A 99 -10.68 -8.41 -0.13
N LEU A 100 -9.76 -8.22 -1.07
CA LEU A 100 -10.15 -7.94 -2.45
C LEU A 100 -10.83 -9.14 -3.08
N VAL A 101 -10.30 -10.35 -2.85
CA VAL A 101 -10.95 -11.54 -3.37
C VAL A 101 -12.37 -11.68 -2.81
N ALA A 102 -12.54 -11.33 -1.52
CA ALA A 102 -13.84 -11.49 -0.89
C ALA A 102 -14.83 -10.42 -1.34
N ASN A 103 -14.35 -9.21 -1.65
CA ASN A 103 -15.26 -8.12 -2.01
C ASN A 103 -15.59 -8.10 -3.50
N SER A 104 -14.57 -8.25 -4.36
CA SER A 104 -14.81 -8.26 -5.80
C SER A 104 -15.53 -9.55 -6.23
N TRP A 105 -14.95 -10.69 -5.89
CA TRP A 105 -15.50 -11.99 -6.28
C TRP A 105 -16.57 -12.50 -5.32
N GLY A 106 -16.54 -12.08 -4.06
CA GLY A 106 -17.52 -12.54 -3.09
C GLY A 106 -18.92 -12.00 -3.32
N ASN A 107 -19.07 -10.68 -3.34
CA ASN A 107 -20.39 -10.08 -3.44
C ASN A 107 -21.19 -10.63 -4.62
N SER A 108 -20.51 -11.08 -5.67
CA SER A 108 -21.18 -11.50 -6.90
C SER A 108 -21.31 -13.01 -7.03
N ASN A 109 -20.51 -13.78 -6.29
CA ASN A 109 -20.55 -15.24 -6.39
C ASN A 109 -21.10 -15.92 -5.16
N VAL A 110 -21.37 -15.18 -4.09
CA VAL A 110 -21.94 -15.72 -2.86
C VAL A 110 -23.26 -15.04 -2.63
N ARG A 111 -24.32 -15.85 -2.51
CA ARG A 111 -25.65 -15.36 -2.17
C ARG A 111 -26.10 -16.02 -0.87
N ALA A 112 -27.14 -15.45 -0.27
CA ALA A 112 -27.70 -16.02 0.94
C ALA A 112 -27.97 -17.51 0.75
N GLY A 113 -27.76 -18.28 1.81
CA GLY A 113 -27.99 -19.72 1.82
C GLY A 113 -26.73 -20.55 1.59
N ASP A 114 -25.74 -19.98 0.92
CA ASP A 114 -24.50 -20.70 0.64
C ASP A 114 -23.68 -20.88 1.92
N ASN A 115 -22.48 -21.43 1.77
CA ASN A 115 -21.61 -21.69 2.92
C ASN A 115 -20.17 -21.76 2.44
N ILE A 116 -19.28 -21.10 3.16
CA ILE A 116 -17.85 -21.11 2.88
C ILE A 116 -17.17 -22.02 3.89
N ILE A 117 -16.01 -22.57 3.50
CA ILE A 117 -15.30 -23.56 4.30
C ILE A 117 -13.90 -23.04 4.58
N ILE A 118 -13.60 -22.81 5.86
CA ILE A 118 -12.25 -22.44 6.29
C ILE A 118 -11.72 -23.51 7.23
N SER A 119 -10.53 -23.28 7.78
CA SER A 119 -9.91 -24.20 8.72
C SER A 119 -9.68 -23.51 10.06
N GLN A 120 -9.59 -24.33 11.10
CA GLN A 120 -9.43 -23.86 12.48
C GLN A 120 -8.03 -23.34 12.77
N MET A 121 -7.13 -23.36 11.80
CA MET A 121 -5.76 -22.88 11.98
C MET A 121 -5.46 -21.68 11.10
N GLU A 122 -6.48 -21.04 10.53
CA GLU A 122 -6.27 -19.96 9.59
C GLU A 122 -5.83 -18.69 10.27
N HIS A 123 -5.05 -17.88 9.56
CA HIS A 123 -4.69 -16.55 10.03
C HIS A 123 -5.95 -15.67 10.02
N HIS A 124 -5.91 -14.61 10.82
CA HIS A 124 -7.05 -13.70 10.89
C HIS A 124 -7.35 -13.09 9.53
N ALA A 125 -6.30 -12.73 8.77
CA ALA A 125 -6.49 -12.21 7.43
C ALA A 125 -7.32 -13.17 6.58
N ASN A 126 -7.29 -14.47 6.91
CA ASN A 126 -8.07 -15.48 6.21
C ASN A 126 -9.26 -15.95 7.05
N ILE A 127 -9.81 -15.07 7.88
CA ILE A 127 -10.99 -15.36 8.69
C ILE A 127 -11.96 -14.18 8.66
N VAL A 128 -11.43 -12.98 8.91
CA VAL A 128 -12.26 -11.78 9.04
C VAL A 128 -12.92 -11.39 7.74
N PRO A 129 -12.21 -11.37 6.61
CA PRO A 129 -12.86 -11.02 5.33
C PRO A 129 -14.06 -11.90 5.01
N TRP A 130 -13.93 -13.20 5.23
CA TRP A 130 -15.03 -14.11 4.93
C TRP A 130 -16.19 -13.94 5.89
N GLN A 131 -15.92 -13.62 7.16
CA GLN A 131 -17.00 -13.32 8.10
C GLN A 131 -17.75 -12.07 7.67
N MET A 132 -17.03 -11.00 7.35
CA MET A 132 -17.68 -9.80 6.83
C MET A 132 -18.50 -10.11 5.58
N LEU A 133 -17.98 -10.97 4.71
CA LEU A 133 -18.71 -11.32 3.49
C LEU A 133 -20.00 -12.07 3.81
N CYS A 134 -19.94 -13.05 4.72
CA CYS A 134 -21.13 -13.79 5.10
C CYS A 134 -22.13 -12.89 5.80
N ALA A 135 -21.66 -11.84 6.45
CA ALA A 135 -22.59 -10.86 7.03
C ALA A 135 -23.25 -10.02 5.95
N ARG A 136 -22.48 -9.65 4.91
CA ARG A 136 -23.02 -8.81 3.83
C ARG A 136 -24.03 -9.57 2.98
N VAL A 137 -23.79 -10.87 2.74
CA VAL A 137 -24.65 -11.68 1.89
C VAL A 137 -25.46 -12.70 2.67
N GLY A 138 -25.28 -12.81 3.98
CA GLY A 138 -26.05 -13.75 4.77
C GLY A 138 -25.74 -15.20 4.48
N ALA A 139 -24.47 -15.55 4.32
CA ALA A 139 -24.04 -16.92 4.14
C ALA A 139 -23.50 -17.50 5.44
N GLU A 140 -23.23 -18.79 5.43
CA GLU A 140 -22.76 -19.53 6.60
C GLU A 140 -21.30 -19.90 6.42
N LEU A 141 -20.50 -19.65 7.44
CA LEU A 141 -19.07 -19.96 7.43
C LEU A 141 -18.87 -21.30 8.12
N ARG A 142 -18.26 -22.24 7.42
CA ARG A 142 -17.98 -23.57 7.96
C ARG A 142 -16.48 -23.76 8.12
N VAL A 143 -16.10 -24.55 9.12
CA VAL A 143 -14.71 -24.68 9.55
C VAL A 143 -14.30 -26.14 9.54
N ILE A 144 -13.07 -26.40 9.09
CA ILE A 144 -12.49 -27.73 9.14
C ILE A 144 -11.73 -27.86 10.46
N PRO A 145 -12.14 -28.74 11.35
CA PRO A 145 -11.51 -28.80 12.68
C PRO A 145 -10.04 -29.21 12.63
N LEU A 146 -9.43 -29.31 13.81
CA LEU A 146 -8.03 -29.69 13.96
C LEU A 146 -7.94 -30.94 14.82
N ASN A 147 -6.93 -31.76 14.53
CA ASN A 147 -6.59 -32.87 15.39
C ASN A 147 -5.55 -32.43 16.41
N PRO A 148 -5.35 -33.21 17.48
CA PRO A 148 -4.36 -32.82 18.49
C PRO A 148 -2.99 -32.48 17.90
N ASP A 149 -2.57 -33.18 16.84
CA ASP A 149 -1.25 -32.99 16.26
C ASP A 149 -1.17 -31.77 15.34
N GLY A 150 -2.19 -30.92 15.33
CA GLY A 150 -2.15 -29.73 14.51
C GLY A 150 -2.37 -29.97 13.02
N THR A 151 -2.87 -31.14 12.64
CA THR A 151 -3.22 -31.43 11.26
C THR A 151 -4.74 -31.38 11.10
N LEU A 152 -5.18 -31.13 9.87
CA LEU A 152 -6.60 -30.96 9.60
C LEU A 152 -7.33 -32.30 9.65
N GLN A 153 -8.54 -32.28 10.22
CA GLN A 153 -9.41 -33.45 10.18
C GLN A 153 -10.06 -33.50 8.81
N LEU A 154 -9.37 -34.14 7.86
CA LEU A 154 -9.89 -34.24 6.51
C LEU A 154 -11.16 -35.09 6.46
N GLU A 155 -11.29 -36.06 7.38
CA GLU A 155 -12.47 -36.91 7.39
C GLU A 155 -13.76 -36.11 7.43
N THR A 156 -13.72 -34.91 8.03
CA THR A 156 -14.91 -34.08 8.18
C THR A 156 -15.22 -33.24 6.95
N LEU A 157 -14.61 -33.54 5.80
CA LEU A 157 -14.91 -32.81 4.57
C LEU A 157 -16.27 -33.19 4.00
N PRO A 158 -16.65 -34.47 4.04
CA PRO A 158 -18.00 -34.85 3.56
C PRO A 158 -19.13 -34.02 4.17
N THR A 159 -19.23 -33.98 5.50
CA THR A 159 -20.31 -33.24 6.17
C THR A 159 -20.18 -31.73 6.01
N LEU A 160 -19.13 -31.23 5.34
CA LEU A 160 -18.95 -29.80 5.15
C LEU A 160 -19.23 -29.34 3.73
N PHE A 161 -18.74 -30.06 2.72
CA PHE A 161 -18.97 -29.67 1.34
C PHE A 161 -20.39 -30.03 0.91
N ASP A 162 -21.00 -29.13 0.15
CA ASP A 162 -22.33 -29.36 -0.41
C ASP A 162 -22.49 -28.50 -1.65
N GLU A 163 -23.61 -28.71 -2.36
CA GLU A 163 -23.86 -28.00 -3.60
C GLU A 163 -23.97 -26.48 -3.41
N LYS A 164 -24.12 -26.01 -2.18
CA LYS A 164 -24.09 -24.59 -1.88
C LYS A 164 -22.70 -24.11 -1.48
N THR A 165 -21.72 -25.00 -1.37
CA THR A 165 -20.36 -24.63 -1.00
C THR A 165 -19.73 -23.81 -2.12
N ARG A 166 -19.48 -22.53 -1.87
CA ARG A 166 -18.96 -21.66 -2.91
C ARG A 166 -17.45 -21.57 -2.92
N LEU A 167 -16.82 -21.52 -1.73
CA LEU A 167 -15.39 -21.26 -1.66
C LEU A 167 -14.78 -22.02 -0.50
N LEU A 168 -13.54 -22.49 -0.72
CA LEU A 168 -12.71 -23.08 0.32
C LEU A 168 -11.49 -22.19 0.49
N ALA A 169 -11.40 -21.50 1.63
CA ALA A 169 -10.28 -20.61 1.92
C ALA A 169 -9.36 -21.32 2.90
N ILE A 170 -8.21 -21.78 2.43
CA ILE A 170 -7.29 -22.57 3.23
C ILE A 170 -5.92 -21.93 3.21
N THR A 171 -5.10 -22.27 4.19
CA THR A 171 -3.73 -21.80 4.29
C THR A 171 -2.79 -22.89 3.82
N HIS A 172 -1.82 -22.51 2.99
CA HIS A 172 -0.81 -23.47 2.52
C HIS A 172 -0.01 -24.02 3.70
N VAL A 173 0.51 -23.12 4.53
CA VAL A 173 1.27 -23.48 5.71
C VAL A 173 0.84 -22.58 6.85
N SER A 174 0.70 -23.16 8.05
CA SER A 174 0.22 -22.43 9.20
C SER A 174 1.37 -21.67 9.85
N ASN A 175 1.13 -20.39 10.13
CA ASN A 175 2.14 -19.53 10.75
C ASN A 175 2.44 -19.92 12.20
N VAL A 176 1.64 -20.79 12.80
CA VAL A 176 1.77 -21.14 14.21
C VAL A 176 2.29 -22.55 14.40
N LEU A 177 1.68 -23.52 13.73
CA LEU A 177 2.07 -24.92 13.88
C LEU A 177 3.11 -25.35 12.84
N GLY A 178 3.28 -24.59 11.77
CA GLY A 178 4.13 -25.02 10.68
C GLY A 178 3.59 -26.19 9.88
N THR A 179 2.31 -26.50 10.00
CA THR A 179 1.71 -27.59 9.27
C THR A 179 1.49 -27.19 7.81
N GLU A 180 1.61 -28.16 6.92
CA GLU A 180 1.45 -27.95 5.48
C GLU A 180 0.29 -28.81 5.00
N ASN A 181 -0.84 -28.17 4.72
CA ASN A 181 -2.05 -28.90 4.37
C ASN A 181 -1.94 -29.49 2.96
N PRO A 182 -2.60 -30.62 2.70
CA PRO A 182 -2.61 -31.19 1.35
C PRO A 182 -3.48 -30.38 0.39
N LEU A 183 -2.87 -29.43 -0.32
CA LEU A 183 -3.66 -28.50 -1.14
C LEU A 183 -4.23 -29.17 -2.37
N ALA A 184 -3.46 -30.05 -3.03
CA ALA A 184 -3.92 -30.61 -4.30
C ALA A 184 -5.21 -31.39 -4.12
N GLU A 185 -5.28 -32.23 -3.10
CA GLU A 185 -6.44 -33.10 -2.92
C GLU A 185 -7.65 -32.30 -2.44
N MET A 186 -7.45 -31.39 -1.49
CA MET A 186 -8.52 -30.49 -1.08
C MET A 186 -9.08 -29.75 -2.29
N ILE A 187 -8.18 -29.29 -3.19
CA ILE A 187 -8.62 -28.51 -4.34
C ILE A 187 -9.41 -29.38 -5.31
N THR A 188 -8.95 -30.61 -5.54
CA THR A 188 -9.72 -31.51 -6.41
C THR A 188 -11.10 -31.76 -5.83
N LEU A 189 -11.18 -32.04 -4.52
CA LEU A 189 -12.47 -32.29 -3.90
C LEU A 189 -13.37 -31.06 -3.93
N ALA A 190 -12.78 -29.86 -3.84
CA ALA A 190 -13.59 -28.65 -3.85
C ALA A 190 -14.08 -28.32 -5.25
N HIS A 191 -13.24 -28.54 -6.26
CA HIS A 191 -13.67 -28.34 -7.63
C HIS A 191 -14.75 -29.34 -8.03
N GLN A 192 -14.69 -30.56 -7.49
CA GLN A 192 -15.76 -31.50 -7.76
C GLN A 192 -17.11 -31.01 -7.24
N HIS A 193 -17.11 -30.04 -6.32
CA HIS A 193 -18.33 -29.49 -5.75
C HIS A 193 -18.67 -28.11 -6.29
N GLY A 194 -18.05 -27.70 -7.40
CA GLY A 194 -18.29 -26.36 -7.91
C GLY A 194 -17.95 -25.29 -6.90
N ALA A 195 -16.82 -25.41 -6.23
CA ALA A 195 -16.36 -24.43 -5.26
C ALA A 195 -14.95 -24.00 -5.62
N LYS A 196 -14.72 -22.68 -5.63
CA LYS A 196 -13.39 -22.17 -5.87
C LYS A 196 -12.53 -22.37 -4.63
N VAL A 197 -11.22 -22.18 -4.80
CA VAL A 197 -10.25 -22.41 -3.74
C VAL A 197 -9.31 -21.20 -3.66
N LEU A 198 -9.22 -20.61 -2.48
CA LEU A 198 -8.24 -19.57 -2.20
C LEU A 198 -7.19 -20.14 -1.25
N VAL A 199 -5.92 -19.90 -1.57
CA VAL A 199 -4.81 -20.45 -0.81
C VAL A 199 -3.95 -19.30 -0.30
N ASP A 200 -3.94 -19.14 1.03
CA ASP A 200 -3.05 -18.20 1.71
C ASP A 200 -1.72 -18.90 1.89
N GLY A 201 -0.78 -18.65 0.99
CA GLY A 201 0.52 -19.28 1.06
C GLY A 201 1.58 -18.35 1.60
N ALA A 202 1.17 -17.39 2.42
CA ALA A 202 2.11 -16.38 2.92
C ALA A 202 3.31 -17.02 3.62
N GLN A 203 3.11 -18.18 4.25
CA GLN A 203 4.18 -18.87 4.95
C GLN A 203 4.81 -19.99 4.13
N ALA A 204 4.43 -20.15 2.86
CA ALA A 204 4.90 -21.27 2.05
C ALA A 204 5.90 -20.87 0.99
N VAL A 205 5.77 -19.66 0.42
CA VAL A 205 6.62 -19.20 -0.68
C VAL A 205 8.08 -19.09 -0.31
N MET A 206 8.39 -18.88 0.97
CA MET A 206 9.75 -18.64 1.42
C MET A 206 10.45 -19.89 1.93
N HIS A 207 9.83 -21.06 1.79
CA HIS A 207 10.45 -22.28 2.26
C HIS A 207 10.68 -23.33 1.18
N HIS A 208 9.87 -23.33 0.12
CA HIS A 208 10.02 -24.30 -0.96
C HIS A 208 9.37 -23.74 -2.22
N PRO A 209 9.62 -24.37 -3.37
CA PRO A 209 8.98 -23.90 -4.60
C PRO A 209 7.46 -24.06 -4.55
N VAL A 210 6.77 -23.16 -5.24
CA VAL A 210 5.32 -23.15 -5.32
C VAL A 210 4.92 -23.10 -6.79
N ASP A 211 3.85 -23.81 -7.14
CA ASP A 211 3.43 -23.97 -8.53
C ASP A 211 1.91 -23.90 -8.57
N VAL A 212 1.39 -22.72 -8.93
CA VAL A 212 -0.06 -22.52 -8.90
C VAL A 212 -0.80 -23.36 -9.94
N GLN A 213 -0.08 -23.94 -10.92
CA GLN A 213 -0.71 -24.83 -11.86
C GLN A 213 -0.74 -26.27 -11.35
N ALA A 214 0.32 -26.70 -10.66
CA ALA A 214 0.31 -28.02 -10.06
C ALA A 214 -0.74 -28.13 -8.96
N LEU A 215 -1.04 -27.02 -8.28
CA LEU A 215 -2.11 -27.02 -7.29
C LEU A 215 -3.48 -26.80 -7.95
N ASP A 216 -3.52 -26.02 -9.03
CA ASP A 216 -4.76 -25.67 -9.73
C ASP A 216 -5.67 -24.77 -8.88
N CYS A 217 -5.11 -24.13 -7.86
CA CYS A 217 -5.91 -23.27 -6.99
C CYS A 217 -6.46 -22.09 -7.78
N ASP A 218 -7.60 -21.58 -7.31
CA ASP A 218 -8.26 -20.48 -8.01
C ASP A 218 -7.63 -19.14 -7.67
N PHE A 219 -7.34 -18.91 -6.40
CA PHE A 219 -6.68 -17.69 -5.96
C PHE A 219 -5.52 -18.08 -5.06
N TYR A 220 -4.45 -17.29 -5.10
CA TYR A 220 -3.29 -17.52 -4.25
C TYR A 220 -2.83 -16.17 -3.73
N VAL A 221 -2.37 -16.13 -2.48
CA VAL A 221 -1.94 -14.86 -1.88
C VAL A 221 -0.62 -15.01 -1.15
N PHE A 222 0.19 -13.95 -1.18
CA PHE A 222 1.39 -13.91 -0.36
C PHE A 222 1.90 -12.47 -0.23
N SER A 223 2.73 -12.26 0.78
CA SER A 223 3.22 -10.94 1.14
C SER A 223 4.75 -10.91 1.08
N GLY A 224 5.29 -9.75 0.69
CA GLY A 224 6.72 -9.65 0.42
C GLY A 224 7.56 -9.40 1.64
N HIS A 225 7.01 -8.73 2.66
CA HIS A 225 7.79 -8.48 3.87
C HIS A 225 8.21 -9.78 4.55
N1 LLP A 226 -1.74 -15.34 6.51
C2 LLP A 226 -0.53 -15.89 6.90
C2' LLP A 226 -0.38 -17.38 7.00
C3 LLP A 226 0.54 -15.06 7.21
O3 LLP A 226 1.74 -15.60 7.61
C4 LLP A 226 0.40 -13.68 7.12
C4' LLP A 226 1.61 -12.80 7.21
C5 LLP A 226 -0.82 -13.13 6.72
C6 LLP A 226 -1.89 -13.97 6.42
C5' LLP A 226 -1.01 -11.63 6.62
OP4 LLP A 226 0.04 -11.05 5.87
P LLP A 226 0.06 -9.45 5.65
OP1 LLP A 226 1.07 -9.10 4.57
OP2 LLP A 226 -1.31 -8.97 5.22
OP3 LLP A 226 0.45 -8.79 6.95
N LLP A 226 7.46 -10.85 4.35
CA LLP A 226 7.87 -12.18 4.78
CB LLP A 226 6.65 -13.04 5.10
CG LLP A 226 6.13 -12.85 6.49
CD LLP A 226 4.63 -12.92 6.53
CE LLP A 226 4.13 -12.50 7.90
NZ LLP A 226 2.69 -12.16 7.90
C LLP A 226 8.73 -12.89 3.75
O LLP A 226 9.35 -13.92 4.08
N LEU A 227 8.80 -12.38 2.52
CA LEU A 227 9.62 -12.97 1.48
C LEU A 227 11.01 -12.34 1.41
N TYR A 228 11.50 -11.78 2.49
CA TYR A 228 12.78 -11.08 2.51
C TYR A 228 12.73 -9.78 1.71
N GLY A 229 11.54 -9.30 1.39
CA GLY A 229 11.38 -8.11 0.58
C GLY A 229 10.64 -7.00 1.30
N PRO A 230 10.64 -5.81 0.72
CA PRO A 230 10.04 -4.65 1.40
C PRO A 230 8.60 -4.90 1.80
N THR A 231 8.09 -3.98 2.63
CA THR A 231 6.73 -4.05 3.13
C THR A 231 5.78 -3.37 2.14
N GLY A 232 4.49 -3.42 2.46
CA GLY A 232 3.49 -2.72 1.67
C GLY A 232 3.36 -3.23 0.25
N ILE A 233 3.89 -4.41 -0.03
CA ILE A 233 3.78 -5.02 -1.35
C ILE A 233 3.41 -6.48 -1.18
N GLY A 234 2.47 -6.95 -2.00
CA GLY A 234 1.99 -8.30 -1.91
C GLY A 234 1.38 -8.75 -3.22
N ILE A 235 1.42 -10.05 -3.46
CA ILE A 235 0.97 -10.62 -4.72
C ILE A 235 -0.30 -11.41 -4.51
N LEU A 236 -1.31 -11.12 -5.32
CA LEU A 236 -2.53 -11.91 -5.41
C LEU A 236 -2.59 -12.51 -6.80
N TYR A 237 -2.42 -13.82 -6.91
CA TYR A 237 -2.60 -14.51 -8.16
C TYR A 237 -4.04 -14.97 -8.30
N VAL A 238 -4.61 -14.79 -9.50
CA VAL A 238 -5.97 -15.21 -9.80
C VAL A 238 -5.96 -15.92 -11.14
N LYS A 239 -6.86 -16.90 -11.29
CA LYS A 239 -7.01 -17.58 -12.55
C LYS A 239 -7.57 -16.63 -13.61
N GLU A 240 -6.94 -16.61 -14.78
CA GLU A 240 -7.30 -15.65 -15.81
C GLU A 240 -8.80 -15.65 -16.08
N ALA A 241 -9.39 -16.84 -16.22
CA ALA A 241 -10.83 -16.93 -16.46
C ALA A 241 -11.61 -16.25 -15.34
N LEU A 242 -11.30 -16.60 -14.09
CA LEU A 242 -11.99 -16.01 -12.95
C LEU A 242 -11.64 -14.54 -12.76
N LEU A 243 -10.47 -14.11 -13.25
CA LEU A 243 -10.05 -12.74 -13.02
C LEU A 243 -10.69 -11.76 -13.99
N GLN A 244 -10.73 -12.10 -15.28
CA GLN A 244 -11.25 -11.16 -16.26
C GLN A 244 -12.72 -10.82 -16.06
N GLU A 245 -13.43 -11.55 -15.20
CA GLU A 245 -14.85 -11.28 -14.98
C GLU A 245 -15.13 -10.54 -13.67
N MET A 246 -14.23 -10.63 -12.69
CA MET A 246 -14.49 -10.04 -11.38
C MET A 246 -14.64 -8.53 -11.51
N PRO A 247 -15.56 -7.92 -10.77
CA PRO A 247 -15.74 -6.46 -10.85
C PRO A 247 -14.61 -5.74 -10.13
N PRO A 248 -14.38 -4.47 -10.45
CA PRO A 248 -13.30 -3.73 -9.80
C PRO A 248 -13.64 -3.40 -8.36
N TRP A 249 -12.61 -3.42 -7.50
CA TRP A 249 -12.80 -3.19 -6.08
C TRP A 249 -12.61 -1.71 -5.74
N GLU A 250 -11.35 -1.27 -5.70
CA GLU A 250 -11.06 0.14 -5.47
C GLU A 250 -11.27 0.94 -6.74
N GLY A 251 -11.80 2.14 -6.58
CA GLY A 251 -12.02 3.06 -7.69
C GLY A 251 -11.01 4.20 -7.63
N GLY A 252 -10.56 4.64 -8.81
CA GLY A 252 -9.59 5.71 -8.88
C GLY A 252 -9.07 5.89 -10.29
N GLY A 253 -7.85 6.43 -10.38
CA GLY A 253 -7.23 6.65 -11.66
C GLY A 253 -6.45 5.44 -12.15
N SER A 254 -6.22 5.42 -13.47
CA SER A 254 -5.46 4.34 -14.11
C SER A 254 -6.30 3.08 -14.30
N MET A 255 -7.09 2.72 -13.28
CA MET A 255 -7.95 1.54 -13.35
C MET A 255 -9.26 1.80 -14.07
N ILE A 256 -9.39 2.93 -14.76
CA ILE A 256 -10.59 3.29 -15.51
C ILE A 256 -10.23 3.42 -16.97
N ALA A 257 -11.10 2.91 -17.84
CA ALA A 257 -10.96 3.21 -19.27
C ALA A 257 -11.47 4.60 -19.57
N THR A 258 -12.57 4.99 -18.93
CA THR A 258 -13.12 6.34 -19.02
C THR A 258 -13.71 6.71 -17.67
N VAL A 259 -13.98 8.00 -17.49
CA VAL A 259 -14.60 8.49 -16.27
C VAL A 259 -15.51 9.66 -16.59
N SER A 260 -16.77 9.36 -16.89
CA SER A 260 -17.76 10.36 -17.27
C SER A 260 -18.73 10.60 -16.13
N LEU A 261 -18.98 11.86 -15.83
CA LEU A 261 -19.98 12.24 -14.83
C LEU A 261 -21.40 12.28 -15.40
N SER A 262 -21.59 11.85 -16.64
CA SER A 262 -22.90 11.92 -17.27
C SER A 262 -23.25 10.59 -17.94
N GLU A 263 -22.24 9.83 -18.36
CA GLU A 263 -22.44 8.55 -19.03
C GLU A 263 -21.90 7.36 -18.24
N GLY A 264 -21.57 7.55 -16.97
CA GLY A 264 -21.03 6.48 -16.17
C GLY A 264 -19.55 6.24 -16.44
N THR A 265 -18.96 5.39 -15.60
CA THR A 265 -17.54 5.07 -15.64
C THR A 265 -17.33 3.65 -16.14
N THR A 266 -16.49 3.50 -17.15
CA THR A 266 -16.15 2.20 -17.70
C THR A 266 -14.76 1.79 -17.23
N TRP A 267 -14.56 0.49 -17.09
CA TRP A 267 -13.36 -0.01 -16.45
C TRP A 267 -12.29 -0.39 -17.48
N THR A 268 -11.11 -0.72 -16.99
CA THR A 268 -10.00 -1.21 -17.79
C THR A 268 -9.79 -2.70 -17.54
N LYS A 269 -8.97 -3.31 -18.39
CA LYS A 269 -8.77 -4.76 -18.36
C LYS A 269 -8.20 -5.25 -17.04
N ALA A 270 -7.80 -6.54 -16.99
CA ALA A 270 -7.43 -7.23 -15.76
C ALA A 270 -6.23 -6.61 -15.06
N PRO A 271 -5.45 -7.36 -14.24
CA PRO A 271 -4.69 -6.74 -13.14
C PRO A 271 -4.94 -5.26 -12.90
N TRP A 272 -4.58 -4.42 -13.87
CA TRP A 272 -4.63 -2.98 -13.68
C TRP A 272 -6.00 -2.48 -13.25
N ARG A 273 -7.05 -3.30 -13.38
CA ARG A 273 -8.35 -2.87 -12.89
C ARG A 273 -8.40 -2.83 -11.36
N PHE A 274 -7.56 -3.62 -10.70
CA PHE A 274 -7.49 -3.68 -9.24
C PHE A 274 -6.28 -2.95 -8.69
N GLU A 275 -5.76 -1.96 -9.43
CA GLU A 275 -4.61 -1.16 -9.01
C GLU A 275 -5.01 0.31 -9.13
N ALA A 276 -5.71 0.81 -8.11
CA ALA A 276 -6.19 2.18 -8.12
C ALA A 276 -5.09 3.14 -7.69
N GLY A 277 -5.10 4.33 -8.29
CA GLY A 277 -4.10 5.31 -7.93
C GLY A 277 -2.68 4.84 -8.20
N THR A 278 -1.73 5.54 -7.58
CA THR A 278 -0.32 5.23 -7.79
C THR A 278 0.05 3.94 -7.08
N PRO A 279 0.71 3.00 -7.76
CA PRO A 279 1.17 1.78 -7.09
C PRO A 279 2.54 1.98 -6.46
N ASN A 280 2.79 1.20 -5.41
CA ASN A 280 4.07 1.27 -4.72
C ASN A 280 5.19 0.83 -5.66
N THR A 281 5.76 1.78 -6.41
CA THR A 281 6.83 1.43 -7.33
C THR A 281 8.07 0.93 -6.59
N GLY A 282 8.46 1.61 -5.51
CA GLY A 282 9.64 1.21 -4.77
C GLY A 282 9.47 -0.17 -4.16
N GLY A 283 8.32 -0.42 -3.54
CA GLY A 283 8.06 -1.74 -3.01
C GLY A 283 8.14 -2.81 -4.08
N ILE A 284 7.65 -2.50 -5.29
CA ILE A 284 7.63 -3.49 -6.35
C ILE A 284 9.04 -3.77 -6.86
N ILE A 285 9.85 -2.72 -7.02
CA ILE A 285 11.25 -2.92 -7.38
C ILE A 285 11.93 -3.81 -6.34
N GLY A 286 11.74 -3.49 -5.06
CA GLY A 286 12.34 -4.29 -4.01
C GLY A 286 11.88 -5.73 -4.04
N LEU A 287 10.60 -5.96 -4.36
CA LEU A 287 10.08 -7.32 -4.40
C LEU A 287 10.68 -8.09 -5.57
N GLY A 288 10.85 -7.43 -6.72
CA GLY A 288 11.61 -8.03 -7.79
C GLY A 288 13.00 -8.43 -7.35
N ALA A 289 13.70 -7.52 -6.67
CA ALA A 289 15.06 -7.82 -6.20
C ALA A 289 15.06 -9.03 -5.28
N ALA A 290 14.11 -9.08 -4.35
CA ALA A 290 14.04 -10.18 -3.40
C ALA A 290 13.78 -11.50 -4.12
N LEU A 291 12.85 -11.51 -5.07
CA LEU A 291 12.58 -12.71 -5.84
C LEU A 291 13.84 -13.17 -6.57
N GLU A 292 14.58 -12.22 -7.14
CA GLU A 292 15.84 -12.55 -7.81
C GLU A 292 16.82 -13.20 -6.85
N TYR A 293 17.00 -12.58 -5.67
CA TYR A 293 17.94 -13.11 -4.68
C TYR A 293 17.57 -14.54 -4.30
N VAL A 294 16.31 -14.77 -3.95
CA VAL A 294 15.87 -16.10 -3.55
C VAL A 294 16.08 -17.10 -4.68
N SER A 295 15.64 -16.75 -5.89
CA SER A 295 15.81 -17.66 -7.03
C SER A 295 17.28 -18.01 -7.22
N ALA A 296 18.16 -17.04 -7.01
CA ALA A 296 19.60 -17.30 -7.07
C ALA A 296 20.00 -18.34 -6.04
N LEU A 297 19.58 -18.14 -4.78
CA LEU A 297 19.91 -19.11 -3.74
C LEU A 297 19.33 -20.48 -4.02
N GLY A 298 18.17 -20.53 -4.69
CA GLY A 298 17.54 -21.79 -5.00
C GLY A 298 16.66 -22.32 -3.89
N LEU A 299 15.36 -22.40 -4.14
CA LEU A 299 14.44 -22.85 -3.10
C LEU A 299 14.75 -24.25 -2.61
N ASN A 300 15.36 -25.09 -3.45
CA ASN A 300 15.65 -26.46 -3.04
C ASN A 300 16.76 -26.50 -2.00
N ASN A 301 17.85 -25.77 -2.24
CA ASN A 301 18.91 -25.69 -1.23
C ASN A 301 18.42 -25.05 0.05
N ILE A 302 17.59 -24.00 -0.07
CA ILE A 302 17.02 -23.35 1.11
C ILE A 302 16.17 -24.32 1.90
N ALA A 303 15.34 -25.11 1.21
CA ALA A 303 14.50 -26.08 1.91
C ALA A 303 15.35 -27.15 2.59
N GLU A 304 16.41 -27.60 1.92
CA GLU A 304 17.31 -28.57 2.55
C GLU A 304 17.89 -28.02 3.84
N TYR A 305 18.50 -26.83 3.75
CA TYR A 305 19.12 -26.26 4.94
C TYR A 305 18.09 -26.01 6.04
N GLU A 306 16.86 -25.63 5.66
CA GLU A 306 15.85 -25.31 6.67
C GLU A 306 15.34 -26.58 7.35
N GLN A 307 15.14 -27.66 6.61
CA GLN A 307 14.78 -28.92 7.24
C GLN A 307 15.90 -29.41 8.14
N ASN A 308 17.16 -29.21 7.73
CA ASN A 308 18.27 -29.64 8.57
C ASN A 308 18.29 -28.86 9.88
N LEU A 309 18.16 -27.54 9.80
CA LEU A 309 18.13 -26.71 11.01
C LEU A 309 16.93 -27.05 11.87
N MET A 310 15.79 -27.39 11.25
CA MET A 310 14.59 -27.73 12.02
C MET A 310 14.78 -29.04 12.77
N HIS A 311 15.32 -30.06 12.10
CA HIS A 311 15.56 -31.32 12.79
C HIS A 311 16.58 -31.16 13.91
N TYR A 312 17.61 -30.35 13.69
CA TYR A 312 18.57 -30.09 14.76
C TYR A 312 17.91 -29.39 15.94
N ALA A 313 17.08 -28.37 15.67
CA ALA A 313 16.40 -27.66 16.74
C ALA A 313 15.46 -28.58 17.51
N LEU A 314 14.76 -29.47 16.80
CA LEU A 314 13.86 -30.39 17.48
C LEU A 314 14.63 -31.41 18.32
N SER A 315 15.81 -31.83 17.85
CA SER A 315 16.63 -32.72 18.66
C SER A 315 17.15 -32.02 19.89
N GLN A 316 17.56 -30.76 19.77
CA GLN A 316 18.13 -30.04 20.90
C GLN A 316 17.08 -29.60 21.91
N LEU A 317 15.84 -29.36 21.47
CA LEU A 317 14.81 -28.94 22.41
C LEU A 317 14.34 -30.07 23.31
N GLU A 318 14.68 -31.31 23.00
CA GLU A 318 14.30 -32.42 23.87
C GLU A 318 14.97 -32.37 25.23
N SER A 319 15.95 -31.48 25.43
CA SER A 319 16.64 -31.31 26.69
C SER A 319 16.15 -30.10 27.48
N VAL A 320 14.97 -29.58 27.13
CA VAL A 320 14.33 -28.48 27.85
C VAL A 320 13.14 -29.04 28.61
N PRO A 321 13.17 -29.05 29.94
CA PRO A 321 12.10 -29.72 30.70
C PRO A 321 10.80 -28.93 30.66
N ASP A 322 9.68 -29.65 30.62
CA ASP A 322 8.34 -29.05 30.66
C ASP A 322 8.10 -28.11 29.47
N LEU A 323 8.66 -28.44 28.31
CA LEU A 323 8.43 -27.70 27.09
C LEU A 323 7.32 -28.40 26.31
N THR A 324 6.24 -27.67 26.04
CA THR A 324 5.12 -28.20 25.27
C THR A 324 5.18 -27.59 23.87
N LEU A 325 5.25 -28.44 22.85
CA LEU A 325 5.28 -28.02 21.46
C LEU A 325 3.93 -28.32 20.81
N TYR A 326 3.57 -27.50 19.83
CA TYR A 326 2.29 -27.60 19.14
C TYR A 326 2.52 -27.80 17.65
N GLY A 327 1.89 -28.82 17.07
CA GLY A 327 2.00 -29.08 15.67
C GLY A 327 2.65 -30.41 15.35
N PRO A 328 2.55 -30.85 14.11
CA PRO A 328 3.12 -32.16 13.73
C PRO A 328 4.63 -32.10 13.67
N GLN A 329 5.24 -33.29 13.57
CA GLN A 329 6.69 -33.38 13.56
C GLN A 329 7.28 -32.84 12.26
N ASN A 330 6.53 -32.88 11.17
CA ASN A 330 7.01 -32.40 9.87
C ASN A 330 6.53 -30.98 9.63
N ARG A 331 7.04 -30.06 10.43
CA ARG A 331 6.68 -28.66 10.33
C ARG A 331 7.68 -27.91 9.44
N LEU A 332 7.35 -26.67 9.11
CA LEU A 332 8.17 -25.83 8.24
C LEU A 332 8.32 -24.45 8.85
N GLY A 333 9.55 -24.09 9.21
CA GLY A 333 9.87 -22.71 9.50
C GLY A 333 9.65 -22.22 10.92
N VAL A 334 8.59 -22.69 11.58
CA VAL A 334 8.21 -22.18 12.89
C VAL A 334 8.03 -23.34 13.87
N ILE A 335 8.46 -23.11 15.11
CA ILE A 335 8.11 -23.94 16.25
C ILE A 335 7.27 -23.11 17.20
N ALA A 336 6.11 -23.63 17.59
CA ALA A 336 5.22 -22.99 18.55
C ALA A 336 5.25 -23.78 19.84
N PHE A 337 5.49 -23.10 20.95
CA PHE A 337 5.73 -23.77 22.21
C PHE A 337 5.20 -22.94 23.39
N ASN A 338 5.19 -23.59 24.54
CA ASN A 338 5.06 -22.96 25.85
C ASN A 338 6.04 -23.64 26.79
N LEU A 339 6.57 -22.87 27.74
CA LEU A 339 7.51 -23.39 28.72
C LEU A 339 6.74 -23.69 30.00
N GLY A 340 6.48 -24.98 30.25
CA GLY A 340 5.72 -25.36 31.42
C GLY A 340 4.43 -24.59 31.53
N LYS A 341 4.12 -24.16 32.76
CA LYS A 341 2.94 -23.34 33.00
C LYS A 341 3.19 -21.84 32.82
N HIS A 342 4.45 -21.42 32.84
CA HIS A 342 4.78 -20.01 32.68
C HIS A 342 4.11 -19.44 31.43
N HIS A 343 3.65 -18.20 31.53
CA HIS A 343 2.98 -17.56 30.41
C HIS A 343 3.95 -17.32 29.27
N ALA A 344 3.40 -17.19 28.06
CA ALA A 344 4.23 -16.97 26.89
C ALA A 344 4.96 -15.64 26.96
N TYR A 345 4.30 -14.60 27.50
CA TYR A 345 4.91 -13.28 27.54
C TYR A 345 6.19 -13.29 28.36
N ASP A 346 6.21 -14.03 29.47
CA ASP A 346 7.38 -14.01 30.35
C ASP A 346 8.56 -14.75 29.72
N VAL A 347 8.29 -15.90 29.10
CA VAL A 347 9.33 -16.62 28.38
C VAL A 347 9.91 -15.75 27.27
N GLY A 348 9.02 -15.15 26.47
CA GLY A 348 9.48 -14.28 25.40
C GLY A 348 10.28 -13.10 25.90
N SER A 349 9.86 -12.52 27.04
CA SER A 349 10.56 -11.36 27.58
C SER A 349 11.97 -11.73 28.02
N PHE A 350 12.10 -12.79 28.80
CA PHE A 350 13.43 -13.23 29.21
C PHE A 350 14.29 -13.59 28.00
N LEU A 351 13.73 -14.32 27.04
CA LEU A 351 14.50 -14.65 25.85
C LEU A 351 15.00 -13.39 25.15
N ASP A 352 14.11 -12.40 24.97
CA ASP A 352 14.54 -11.13 24.39
C ASP A 352 15.71 -10.54 25.16
N ASN A 353 15.65 -10.56 26.49
CA ASN A 353 16.78 -10.01 27.23
C ASN A 353 18.02 -10.88 27.16
N TYR A 354 17.94 -12.05 26.52
CA TYR A 354 19.12 -12.82 26.14
C TYR A 354 19.55 -12.53 24.71
N GLY A 355 18.88 -11.60 24.03
CA GLY A 355 19.12 -11.31 22.63
C GLY A 355 18.34 -12.15 21.65
N ILE A 356 17.41 -12.97 22.13
CA ILE A 356 16.69 -13.93 21.30
C ILE A 356 15.32 -13.33 20.96
N ALA A 357 15.13 -12.97 19.70
CA ALA A 357 13.88 -12.36 19.24
C ALA A 357 12.93 -13.46 18.80
N VAL A 358 11.98 -13.80 19.67
CA VAL A 358 10.88 -14.70 19.37
C VAL A 358 9.58 -13.95 19.63
N ARG A 359 8.51 -14.40 18.99
CA ARG A 359 7.23 -13.72 19.15
C ARG A 359 6.39 -14.41 20.22
N THR A 360 5.55 -13.63 20.89
CA THR A 360 4.68 -14.16 21.94
C THR A 360 3.29 -13.57 21.78
N GLY A 361 2.28 -14.41 21.99
CA GLY A 361 0.91 -13.95 21.89
C GLY A 361 -0.01 -14.93 21.20
N HIS A 362 -1.03 -14.42 20.51
CA HIS A 362 -1.96 -15.27 19.77
C HIS A 362 -1.60 -15.40 18.30
N HIS A 363 -0.59 -14.68 17.82
CA HIS A 363 -0.09 -14.81 16.45
C HIS A 363 -1.19 -14.67 15.41
N CSS A 364 -2.18 -13.83 15.71
CA CSS A 364 -3.24 -13.54 14.77
CB CSS A 364 -2.78 -12.87 13.47
SG CSS A 364 -3.07 -11.15 13.28
SD CSS A 364 -3.01 -10.26 15.19
C CSS A 364 -3.97 -14.84 14.42
O CSS A 364 -4.50 -15.06 13.33
N ALA A 365 -4.02 -15.73 15.40
CA ALA A 365 -4.69 -17.02 15.23
C ALA A 365 -5.38 -17.43 16.52
N MET A 366 -6.35 -16.61 16.95
CA MET A 366 -7.04 -16.89 18.21
C MET A 366 -7.77 -18.23 18.22
N PRO A 367 -8.49 -18.63 17.16
CA PRO A 367 -9.12 -19.97 17.19
C PRO A 367 -8.14 -21.10 17.43
N LEU A 368 -6.90 -20.96 16.96
CA LEU A 368 -5.88 -21.98 17.24
C LEU A 368 -5.59 -22.04 18.74
N MET A 369 -5.25 -20.88 19.33
CA MET A 369 -5.07 -20.79 20.77
C MET A 369 -6.25 -21.43 21.50
N ALA A 370 -7.48 -21.15 21.05
CA ALA A 370 -8.66 -21.70 21.71
C ALA A 370 -8.69 -23.22 21.62
N TYR A 371 -8.43 -23.76 20.42
CA TYR A 371 -8.40 -25.21 20.28
C TYR A 371 -7.37 -25.84 21.20
N TYR A 372 -6.27 -25.14 21.48
CA TYR A 372 -5.23 -25.68 22.33
C TYR A 372 -5.37 -25.32 23.81
N ASN A 373 -6.55 -24.87 24.23
CA ASN A 373 -6.83 -24.56 25.64
C ASN A 373 -5.80 -23.58 26.23
N VAL A 374 -5.09 -22.84 25.40
CA VAL A 374 -4.06 -21.92 25.88
C VAL A 374 -4.49 -20.49 25.59
N PRO A 375 -3.94 -19.50 26.30
CA PRO A 375 -4.27 -18.11 25.99
C PRO A 375 -3.23 -17.46 25.08
N ALA A 376 -2.09 -18.12 24.88
CA ALA A 376 -1.02 -17.56 24.06
C ALA A 376 0.15 -18.53 23.96
N MET A 377 0.90 -18.45 22.86
CA MET A 377 2.08 -19.28 22.63
C MET A 377 3.28 -18.39 22.32
N CYS A 378 4.46 -18.98 22.46
CA CYS A 378 5.69 -18.41 21.91
C CYS A 378 5.97 -19.09 20.59
N ARG A 379 6.48 -18.33 19.63
CA ARG A 379 6.82 -18.85 18.31
C ARG A 379 8.22 -18.42 17.97
N ALA A 380 9.03 -19.37 17.53
CA ALA A 380 10.39 -19.12 17.08
C ALA A 380 10.51 -19.65 15.66
N SER A 381 11.00 -18.82 14.76
CA SER A 381 11.11 -19.16 13.35
C SER A 381 12.57 -19.39 13.00
N LEU A 382 12.83 -20.46 12.25
CA LEU A 382 14.18 -20.79 11.81
C LEU A 382 14.27 -20.51 10.31
N ALA A 383 14.74 -19.31 9.97
CA ALA A 383 14.80 -18.87 8.58
C ALA A 383 16.01 -19.49 7.88
N MET A 384 16.30 -19.02 6.66
CA MET A 384 17.45 -19.50 5.90
C MET A 384 18.77 -18.95 6.44
N TYR A 385 18.72 -17.90 7.27
CA TYR A 385 19.94 -17.30 7.82
C TYR A 385 20.17 -17.66 9.28
N ASN A 386 19.34 -18.54 9.85
CA ASN A 386 19.49 -18.94 11.25
C ASN A 386 20.44 -20.13 11.36
N THR A 387 21.37 -20.03 12.32
CA THR A 387 22.45 -20.99 12.47
C THR A 387 22.12 -22.03 13.55
N HIS A 388 23.08 -22.93 13.80
CA HIS A 388 22.94 -23.84 14.94
C HIS A 388 23.23 -23.14 16.25
N GLU A 389 24.12 -22.14 16.23
CA GLU A 389 24.44 -21.42 17.46
C GLU A 389 23.20 -20.75 18.04
N GLU A 390 22.33 -20.20 17.18
CA GLU A 390 21.09 -19.60 17.68
C GLU A 390 20.16 -20.66 18.25
N VAL A 391 20.16 -21.87 17.69
CA VAL A 391 19.38 -22.96 18.27
C VAL A 391 19.87 -23.28 19.67
N ASP A 392 21.19 -23.44 19.82
CA ASP A 392 21.77 -23.72 21.13
C ASP A 392 21.49 -22.58 22.11
N ARG A 393 21.54 -21.34 21.63
CA ARG A 393 21.25 -20.20 22.50
C ARG A 393 19.81 -20.23 22.97
N LEU A 394 18.87 -20.57 22.07
CA LEU A 394 17.48 -20.70 22.51
C LEU A 394 17.33 -21.80 23.54
N VAL A 395 17.94 -22.96 23.30
CA VAL A 395 17.84 -24.07 24.25
C VAL A 395 18.38 -23.64 25.62
N THR A 396 19.56 -23.02 25.63
CA THR A 396 20.17 -22.58 26.89
C THR A 396 19.31 -21.52 27.57
N GLY A 397 18.76 -20.58 26.81
CA GLY A 397 17.91 -19.57 27.40
C GLY A 397 16.65 -20.15 28.00
N LEU A 398 16.05 -21.14 27.34
CA LEU A 398 14.88 -21.80 27.90
C LEU A 398 15.23 -22.55 29.17
N GLN A 399 16.38 -23.24 29.18
CA GLN A 399 16.81 -23.93 30.39
C GLN A 399 16.98 -22.95 31.54
N ARG A 400 17.68 -21.84 31.30
CA ARG A 400 17.89 -20.85 32.36
C ARG A 400 16.56 -20.26 32.82
N ILE A 401 15.64 -20.00 31.88
CA ILE A 401 14.34 -19.44 32.24
C ILE A 401 13.57 -20.41 33.11
N HIS A 402 13.67 -21.71 32.83
CA HIS A 402 12.97 -22.70 33.62
C HIS A 402 13.57 -22.79 35.03
N ARG A 403 14.89 -22.85 35.12
CA ARG A 403 15.53 -22.90 36.43
C ARG A 403 15.19 -21.66 37.25
N LEU A 404 15.18 -20.49 36.62
CA LEU A 404 14.94 -19.26 37.37
C LEU A 404 13.47 -19.09 37.73
N LEU A 405 12.56 -19.57 36.89
CA LEU A 405 11.14 -19.44 37.16
C LEU A 405 10.56 -20.73 37.71
N LEU B 3 2.22 -6.75 51.90
CA LEU B 3 1.74 -5.49 51.33
C LEU B 3 2.74 -4.93 50.32
N LEU B 4 2.31 -3.91 49.58
CA LEU B 4 3.15 -3.32 48.54
C LEU B 4 3.84 -2.07 49.07
N PRO B 5 5.09 -1.85 48.67
CA PRO B 5 5.82 -0.67 49.15
C PRO B 5 5.32 0.61 48.48
N ASP B 6 5.58 1.73 49.15
CA ASP B 6 5.21 3.02 48.58
C ASP B 6 6.14 3.37 47.42
N LYS B 7 5.72 4.36 46.63
CA LYS B 7 6.50 4.74 45.47
C LYS B 7 7.94 5.07 45.83
N GLU B 8 8.17 5.66 47.00
CA GLU B 8 9.54 5.96 47.43
C GLU B 8 10.33 4.68 47.69
N LYS B 9 9.81 3.80 48.54
CA LYS B 9 10.48 2.53 48.79
C LYS B 9 10.55 1.69 47.54
N LEU B 10 9.53 1.76 46.68
CA LEU B 10 9.57 1.03 45.42
C LEU B 10 10.76 1.48 44.57
N LEU B 11 10.87 2.79 44.35
CA LEU B 11 11.97 3.31 43.54
C LEU B 11 13.32 2.98 44.16
N ARG B 12 13.42 3.08 45.49
CA ARG B 12 14.69 2.80 46.15
C ARG B 12 15.08 1.33 45.97
N ASN B 13 14.14 0.41 46.21
CA ASN B 13 14.45 -1.00 46.08
C ASN B 13 14.71 -1.38 44.63
N PHE B 14 14.09 -0.68 43.68
CA PHE B 14 14.30 -1.01 42.27
C PHE B 14 15.67 -0.53 41.81
N LEU B 15 16.02 0.72 42.11
CA LEU B 15 17.36 1.20 41.79
C LEU B 15 18.43 0.44 42.56
N ARG B 16 18.07 -0.16 43.69
CA ARG B 16 19.02 -1.01 44.42
C ARG B 16 19.29 -2.32 43.67
N CYS B 17 18.51 -2.64 42.65
CA CYS B 17 18.75 -3.85 41.87
C CYS B 17 20.05 -3.70 41.10
N ALA B 18 20.93 -4.70 41.24
CA ALA B 18 22.27 -4.58 40.67
C ALA B 18 22.26 -4.69 39.15
N ASN B 19 21.39 -5.53 38.59
CA ASN B 19 21.28 -5.66 37.14
C ASN B 19 19.83 -5.58 36.70
N TRP B 20 19.47 -6.32 35.66
CA TRP B 20 18.11 -6.27 35.12
C TRP B 20 17.27 -7.50 35.45
N GLU B 21 17.88 -8.70 35.47
CA GLU B 21 17.12 -9.89 35.85
C GLU B 21 16.48 -9.70 37.22
N GLU B 22 17.23 -9.13 38.16
CA GLU B 22 16.66 -8.83 39.47
C GLU B 22 15.48 -7.88 39.34
N LYS B 23 15.56 -6.91 38.43
CA LYS B 23 14.47 -5.94 38.28
C LYS B 23 13.23 -6.59 37.69
N TYR B 24 13.41 -7.51 36.75
CA TYR B 24 12.26 -8.18 36.17
C TYR B 24 11.62 -9.15 37.17
N LEU B 25 12.44 -9.85 37.94
CA LEU B 25 11.87 -10.71 38.98
C LEU B 25 11.24 -9.89 40.09
N TYR B 26 11.75 -8.69 40.36
CA TYR B 26 11.11 -7.83 41.34
C TYR B 26 9.76 -7.34 40.86
N ILE B 27 9.65 -7.05 39.56
CA ILE B 27 8.35 -6.72 38.98
C ILE B 27 7.40 -7.91 39.09
N ILE B 28 7.91 -9.10 38.75
CA ILE B 28 7.11 -10.33 38.86
C ILE B 28 6.61 -10.51 40.29
N GLU B 29 7.50 -10.32 41.26
CA GLU B 29 7.10 -10.46 42.65
C GLU B 29 6.04 -9.43 43.02
N LEU B 30 6.33 -8.15 42.79
CA LEU B 30 5.36 -7.10 43.08
C LEU B 30 3.99 -7.44 42.51
N GLY B 31 3.96 -8.05 41.33
CA GLY B 31 2.70 -8.57 40.82
C GLY B 31 2.15 -9.67 41.71
N GLN B 32 3.02 -10.59 42.12
CA GLN B 32 2.63 -11.72 42.97
C GLN B 32 2.18 -11.29 44.37
N ARG B 33 2.37 -10.03 44.74
CA ARG B 33 1.91 -9.52 46.02
C ARG B 33 0.50 -8.93 45.95
N LEU B 34 -0.02 -8.70 44.76
CA LEU B 34 -1.33 -8.06 44.64
C LEU B 34 -2.41 -8.93 45.30
N PRO B 35 -3.44 -8.31 45.85
CA PRO B 35 -4.59 -9.09 46.35
C PRO B 35 -5.33 -9.72 45.18
N GLU B 36 -5.73 -10.98 45.39
CA GLU B 36 -6.44 -11.70 44.33
C GLU B 36 -7.68 -10.93 43.89
N LEU B 37 -8.08 -11.17 42.65
CA LEU B 37 -9.21 -10.48 42.04
C LEU B 37 -10.45 -11.35 42.14
N ARG B 38 -11.57 -10.75 42.53
CA ARG B 38 -12.82 -11.50 42.62
C ARG B 38 -13.20 -12.06 41.26
N ASP B 39 -13.65 -13.30 41.24
CA ASP B 39 -14.06 -13.92 39.98
C ASP B 39 -15.16 -13.13 39.28
N GLU B 40 -15.90 -12.29 40.03
CA GLU B 40 -16.91 -11.44 39.41
C GLU B 40 -16.25 -10.26 38.69
N ASP B 41 -15.17 -9.72 39.26
CA ASP B 41 -14.51 -8.55 38.69
C ASP B 41 -13.65 -8.88 37.49
N ARG B 42 -13.24 -10.14 37.32
CA ARG B 42 -12.47 -10.56 36.14
C ARG B 42 -13.43 -10.79 34.97
N SER B 43 -14.05 -9.71 34.52
CA SER B 43 -15.07 -9.77 33.48
C SER B 43 -14.70 -8.87 32.31
N PRO B 44 -15.40 -9.01 31.18
CA PRO B 44 -15.15 -8.10 30.04
C PRO B 44 -15.38 -6.63 30.35
N GLN B 45 -16.07 -6.31 31.45
CA GLN B 45 -16.23 -4.93 31.86
C GLN B 45 -14.96 -4.36 32.47
N ASN B 46 -14.01 -5.21 32.85
CA ASN B 46 -12.74 -4.79 33.44
C ASN B 46 -11.56 -5.33 32.65
N SER B 47 -11.63 -5.22 31.33
CA SER B 47 -10.59 -5.70 30.42
C SER B 47 -9.80 -4.52 29.87
N ILE B 48 -8.50 -4.73 29.66
CA ILE B 48 -7.62 -3.72 29.10
C ILE B 48 -6.93 -4.29 27.87
N GLN B 49 -7.04 -3.59 26.75
CA GLN B 49 -6.43 -4.01 25.50
C GLN B 49 -5.04 -3.39 25.34
N GLY B 50 -4.34 -3.85 24.31
CA GLY B 50 -3.01 -3.36 24.01
C GLY B 50 -1.90 -3.83 24.94
N ALA B 51 -2.22 -4.60 25.97
CA ALA B 51 -1.24 -5.12 26.91
C ALA B 51 -0.64 -6.45 26.48
N GLN B 52 -0.98 -6.93 25.27
CA GLN B 52 -0.50 -8.22 24.78
C GLN B 52 -0.74 -9.36 25.77
N SER B 53 -1.79 -9.22 26.59
CA SER B 53 -2.21 -10.26 27.53
C SER B 53 -3.51 -9.86 28.21
N GLN B 54 -4.30 -10.84 28.63
CA GLN B 54 -5.54 -10.55 29.32
C GLN B 54 -5.26 -9.80 30.61
N VAL B 55 -5.69 -8.55 30.68
CA VAL B 55 -5.45 -7.69 31.83
C VAL B 55 -6.79 -7.17 32.34
N TRP B 56 -7.05 -7.41 33.62
CA TRP B 56 -8.24 -6.89 34.29
C TRP B 56 -7.82 -5.84 35.31
N ILE B 57 -8.55 -4.73 35.32
CA ILE B 57 -8.27 -3.63 36.24
C ILE B 57 -9.57 -2.95 36.64
N VAL B 58 -9.82 -2.87 37.94
CA VAL B 58 -11.02 -2.24 38.49
C VAL B 58 -10.61 -1.13 39.44
N MET B 59 -11.30 0.00 39.34
CA MET B 59 -11.06 1.17 40.17
C MET B 59 -12.39 1.64 40.73
N ARG B 60 -12.40 2.00 42.02
CA ARG B 60 -13.65 2.45 42.62
C ARG B 60 -13.37 3.34 43.82
N GLN B 61 -14.24 4.33 44.04
CA GLN B 61 -14.12 5.21 45.19
C GLN B 61 -14.76 4.53 46.41
N ASN B 62 -14.01 4.50 47.50
CA ASN B 62 -14.49 3.89 48.74
C ASN B 62 -15.55 4.78 49.39
N ALA B 63 -15.62 4.75 50.73
CA ALA B 63 -16.55 5.61 51.44
C ALA B 63 -16.24 7.09 51.23
N GLN B 64 -14.99 7.42 50.88
CA GLN B 64 -14.55 8.79 50.64
C GLN B 64 -14.35 9.01 49.14
N GLY B 65 -13.53 10.01 48.80
CA GLY B 65 -13.18 10.25 47.43
C GLY B 65 -11.82 9.69 47.08
N ILE B 66 -11.45 8.59 47.74
CA ILE B 66 -10.17 7.93 47.52
C ILE B 66 -10.37 6.78 46.54
N ILE B 67 -9.40 6.61 45.65
CA ILE B 67 -9.46 5.55 44.65
C ILE B 67 -8.86 4.28 45.22
N GLU B 68 -9.58 3.17 45.06
CA GLU B 68 -9.14 1.85 45.46
C GLU B 68 -9.06 1.00 44.21
N LEU B 69 -7.90 0.39 43.98
CA LEU B 69 -7.61 -0.31 42.74
C LEU B 69 -7.36 -1.79 43.00
N GLN B 70 -7.74 -2.61 42.01
CA GLN B 70 -7.43 -4.03 42.01
C GLN B 70 -7.25 -4.48 40.58
N GLY B 71 -6.58 -5.60 40.40
CA GLY B 71 -6.31 -6.05 39.04
C GLY B 71 -5.76 -7.45 39.01
N ASP B 72 -5.36 -7.85 37.80
CA ASP B 72 -4.81 -9.18 37.56
C ASP B 72 -4.40 -9.31 36.09
N SER B 73 -3.45 -10.19 35.81
CA SER B 73 -2.99 -10.41 34.45
C SER B 73 -2.42 -11.81 34.33
N ASP B 74 -2.77 -12.50 33.24
CA ASP B 74 -2.25 -13.85 33.01
C ASP B 74 -0.78 -13.86 32.62
N ALA B 75 -0.14 -12.69 32.59
CA ALA B 75 1.29 -12.58 32.32
C ALA B 75 1.96 -12.04 33.57
N ALA B 76 2.98 -12.74 34.05
CA ALA B 76 3.61 -12.37 35.32
C ALA B 76 4.11 -10.93 35.28
N ILE B 77 4.91 -10.58 34.27
CA ILE B 77 5.50 -9.25 34.22
C ILE B 77 4.43 -8.19 34.03
N VAL B 78 3.34 -8.53 33.34
CA VAL B 78 2.24 -7.59 33.23
C VAL B 78 1.59 -7.35 34.59
N LYS B 79 1.45 -8.41 35.39
CA LYS B 79 0.90 -8.23 36.74
C LYS B 79 1.83 -7.39 37.59
N GLY B 80 3.14 -7.58 37.45
CA GLY B 80 4.09 -6.73 38.16
C GLY B 80 3.97 -5.28 37.75
N LEU B 81 3.74 -5.04 36.46
CA LEU B 81 3.49 -3.67 36.01
C LEU B 81 2.20 -3.12 36.63
N ILE B 82 1.17 -3.96 36.74
CA ILE B 82 -0.05 -3.55 37.45
C ILE B 82 0.29 -3.11 38.86
N ALA B 83 1.11 -3.91 39.54
CA ALA B 83 1.51 -3.59 40.91
C ALA B 83 2.24 -2.25 40.97
N VAL B 84 3.16 -2.01 40.02
CA VAL B 84 3.94 -0.78 40.05
C VAL B 84 3.05 0.44 39.79
N VAL B 85 2.14 0.32 38.82
CA VAL B 85 1.23 1.43 38.53
C VAL B 85 0.35 1.71 39.73
N PHE B 86 -0.14 0.67 40.39
CA PHE B 86 -0.93 0.86 41.60
C PHE B 86 -0.12 1.55 42.69
N ILE B 87 1.14 1.16 42.84
CA ILE B 87 2.01 1.80 43.83
C ILE B 87 2.14 3.30 43.53
N LEU B 88 2.35 3.65 42.26
CA LEU B 88 2.52 5.06 41.91
C LEU B 88 1.25 5.86 42.19
N TYR B 89 0.08 5.31 41.87
CA TYR B 89 -1.19 6.00 41.99
C TYR B 89 -1.90 5.71 43.32
N ASP B 90 -1.18 5.26 44.35
CA ASP B 90 -1.81 4.84 45.59
C ASP B 90 -2.27 6.04 46.42
N GLN B 91 -3.39 5.87 47.10
CA GLN B 91 -3.94 6.88 48.01
C GLN B 91 -4.07 8.23 47.32
N MET B 92 -4.93 8.28 46.31
CA MET B 92 -5.15 9.50 45.53
C MET B 92 -6.59 9.53 45.05
N THR B 93 -7.10 10.75 44.88
CA THR B 93 -8.42 10.96 44.30
C THR B 93 -8.30 11.02 42.79
N PRO B 94 -9.44 10.99 42.08
CA PRO B 94 -9.37 11.05 40.61
C PRO B 94 -8.59 12.25 40.07
N GLN B 95 -8.76 13.42 40.69
CA GLN B 95 -8.03 14.60 40.24
C GLN B 95 -6.53 14.43 40.44
N ASP B 96 -6.11 13.91 41.59
CA ASP B 96 -4.70 13.62 41.80
C ASP B 96 -4.17 12.69 40.72
N ILE B 97 -4.96 11.69 40.34
CA ILE B 97 -4.54 10.74 39.31
C ILE B 97 -4.38 11.43 37.97
N VAL B 98 -5.34 12.29 37.61
CA VAL B 98 -5.29 12.95 36.31
C VAL B 98 -4.12 13.92 36.23
N ASN B 99 -3.88 14.68 37.30
CA ASN B 99 -2.82 15.67 37.28
C ASN B 99 -1.42 15.09 37.52
N PHE B 100 -1.32 13.88 38.06
CA PHE B 100 -0.03 13.31 38.41
C PHE B 100 0.68 12.84 37.14
N ASP B 101 1.89 13.38 36.91
CA ASP B 101 2.72 12.97 35.78
C ASP B 101 3.62 11.82 36.24
N VAL B 102 3.39 10.64 35.67
CA VAL B 102 4.14 9.44 36.06
C VAL B 102 5.41 9.23 35.25
N ARG B 103 5.62 10.03 34.20
CA ARG B 103 6.80 9.88 33.34
C ARG B 103 8.12 9.86 34.11
N PRO B 104 8.38 10.77 35.05
CA PRO B 104 9.70 10.80 35.70
C PRO B 104 10.00 9.56 36.52
N TRP B 105 8.99 8.93 37.14
CA TRP B 105 9.25 7.71 37.90
C TRP B 105 9.77 6.61 36.99
N PHE B 106 9.10 6.40 35.85
CA PHE B 106 9.58 5.43 34.88
C PHE B 106 10.97 5.81 34.38
N CYS B 107 11.21 7.11 34.15
CA CYS B 107 12.54 7.55 33.78
C CYS B 107 13.58 7.11 34.81
N LYS B 108 13.24 7.24 36.10
CA LYS B 108 14.14 6.85 37.18
C LYS B 108 14.24 5.34 37.34
N MET B 109 13.31 4.59 36.75
CA MET B 109 13.38 3.13 36.79
C MET B 109 13.70 2.48 35.45
N ALA B 110 13.75 3.26 34.35
CA ALA B 110 14.14 2.71 33.07
C ALA B 110 13.35 1.46 32.69
N LEU B 111 12.09 1.65 32.30
CA LEU B 111 11.24 0.52 31.95
C LEU B 111 10.89 0.44 30.47
N THR B 112 11.14 1.51 29.71
CA THR B 112 10.93 1.49 28.27
C THR B 112 12.23 1.25 27.49
N GLN B 113 13.38 1.47 28.13
CA GLN B 113 14.65 1.13 27.50
C GLN B 113 14.98 -0.34 27.69
N HIS B 114 14.57 -0.95 28.79
CA HIS B 114 14.74 -2.38 28.99
C HIS B 114 13.65 -3.15 28.25
N LEU B 115 12.41 -3.00 28.70
CA LEU B 115 11.29 -3.78 28.21
C LEU B 115 10.98 -3.44 26.75
N SER B 120 6.40 -2.18 26.99
CA SER B 120 6.17 -0.87 27.57
C SER B 120 4.96 -0.17 26.95
N GLN B 121 4.40 -0.77 25.90
CA GLN B 121 3.18 -0.27 25.28
C GLN B 121 1.92 -0.77 25.98
N GLY B 122 1.95 -1.99 26.50
CA GLY B 122 0.88 -2.42 27.39
C GLY B 122 0.84 -1.59 28.67
N LEU B 123 2.01 -1.17 29.15
CA LEU B 123 2.07 -0.25 30.27
C LEU B 123 1.39 1.06 29.90
N GLU B 124 1.59 1.54 28.68
CA GLU B 124 0.92 2.74 28.22
C GLU B 124 -0.59 2.54 28.16
N ALA B 125 -1.03 1.37 27.71
CA ALA B 125 -2.46 1.05 27.73
C ALA B 125 -3.02 1.09 29.14
N MET B 126 -2.30 0.51 30.11
CA MET B 126 -2.76 0.51 31.49
C MET B 126 -2.86 1.94 32.03
N ILE B 127 -1.81 2.73 31.82
CA ILE B 127 -1.81 4.11 32.32
C ILE B 127 -2.95 4.90 31.70
N ARG B 128 -3.16 4.74 30.39
CA ARG B 128 -4.24 5.45 29.71
C ARG B 128 -5.60 5.03 30.26
N ALA B 129 -5.81 3.73 30.46
CA ALA B 129 -7.10 3.28 30.97
C ALA B 129 -7.35 3.81 32.38
N ILE B 130 -6.32 3.79 33.23
CA ILE B 130 -6.48 4.30 34.60
C ILE B 130 -6.80 5.79 34.57
N ARG B 131 -6.08 6.55 33.74
CA ARG B 131 -6.35 7.98 33.63
C ARG B 131 -7.73 8.25 33.05
N ALA B 132 -8.21 7.37 32.17
CA ALA B 132 -9.56 7.52 31.63
C ALA B 132 -10.61 7.31 32.71
N LYS B 133 -10.44 6.26 33.54
CA LYS B 133 -11.36 6.06 34.65
C LYS B 133 -11.35 7.26 35.60
N ALA B 134 -10.15 7.74 35.95
CA ALA B 134 -10.04 8.88 36.85
C ALA B 134 -10.72 10.11 36.26
N ALA B 135 -10.53 10.37 34.96
CA ALA B 135 -11.13 11.54 34.34
C ALA B 135 -12.65 11.42 34.25
N ALA B 136 -13.15 10.22 33.93
CA ALA B 136 -14.59 9.99 33.95
C ALA B 136 -15.15 10.22 35.34
N LEU B 137 -14.37 9.93 36.39
CA LEU B 137 -14.81 10.21 37.74
C LEU B 137 -14.67 11.68 38.14
N SER B 138 -13.79 12.42 37.46
CA SER B 138 -13.58 13.83 37.79
C SER B 138 -13.71 14.73 36.57
N ILE C 2 17.00 32.52 3.98
CA ILE C 2 16.48 32.46 2.62
C ILE C 2 16.59 31.05 2.04
N PHE C 3 16.14 30.88 0.81
CA PHE C 3 16.15 29.61 0.12
C PHE C 3 17.26 29.57 -0.92
N SER C 4 17.85 28.40 -1.10
CA SER C 4 18.96 28.19 -2.03
C SER C 4 18.72 26.90 -2.79
N VAL C 5 18.16 27.01 -4.00
CA VAL C 5 17.83 25.83 -4.78
C VAL C 5 19.06 25.01 -5.15
N ASP C 6 20.26 25.61 -5.09
CA ASP C 6 21.48 24.86 -5.37
C ASP C 6 21.72 23.81 -4.30
N LYS C 7 21.77 24.22 -3.03
CA LYS C 7 21.90 23.27 -1.94
C LYS C 7 20.80 22.22 -2.00
N VAL C 8 19.57 22.65 -2.26
CA VAL C 8 18.44 21.72 -2.30
C VAL C 8 18.67 20.65 -3.36
N ARG C 9 18.91 21.08 -4.60
CA ARG C 9 19.14 20.12 -5.68
C ARG C 9 20.34 19.23 -5.38
N ALA C 10 21.28 19.72 -4.59
CA ALA C 10 22.43 18.89 -4.22
C ALA C 10 22.00 17.56 -3.59
N ASP C 11 20.78 17.48 -3.07
CA ASP C 11 20.35 16.29 -2.32
C ASP C 11 19.60 15.28 -3.17
N PHE C 12 18.96 15.69 -4.26
CA PHE C 12 18.25 14.76 -5.12
C PHE C 12 19.21 14.16 -6.14
N PRO C 13 19.45 12.85 -6.12
CA PRO C 13 20.44 12.28 -7.04
C PRO C 13 19.91 12.13 -8.45
N VAL C 14 18.62 11.86 -8.61
CA VAL C 14 18.06 11.76 -9.95
C VAL C 14 18.29 13.03 -10.75
N LEU C 15 18.37 14.18 -10.09
CA LEU C 15 18.67 15.43 -10.76
C LEU C 15 20.08 15.46 -11.40
N SER C 16 20.81 14.34 -11.43
CA SER C 16 22.05 14.23 -12.16
C SER C 16 21.94 13.29 -13.34
N ARG C 17 20.76 12.71 -13.57
CA ARG C 17 20.56 11.83 -14.71
C ARG C 17 20.63 12.61 -16.02
N GLU C 18 20.88 11.87 -17.10
CA GLU C 18 20.87 12.42 -18.45
C GLU C 18 19.81 11.69 -19.26
N VAL C 19 18.78 12.43 -19.67
CA VAL C 19 17.61 11.87 -20.35
C VAL C 19 17.79 12.07 -21.85
N ASN C 20 18.13 10.99 -22.56
CA ASN C 20 18.24 11.03 -24.01
C ASN C 20 19.50 11.76 -24.48
N GLY C 21 20.60 11.56 -23.76
CA GLY C 21 21.86 12.21 -24.07
C GLY C 21 22.04 13.59 -23.46
N LEU C 22 21.01 14.14 -22.84
CA LEU C 22 21.03 15.48 -22.28
C LEU C 22 20.76 15.44 -20.79
N PRO C 23 21.18 16.47 -20.05
CA PRO C 23 20.85 16.52 -18.62
C PRO C 23 19.34 16.60 -18.43
N LEU C 24 18.84 15.81 -17.48
CA LEU C 24 17.41 15.74 -17.24
C LEU C 24 16.90 17.00 -16.56
N ALA C 25 15.72 17.44 -16.96
CA ALA C 25 15.01 18.56 -16.33
C ALA C 25 13.63 18.04 -15.95
N TYR C 26 13.49 17.54 -14.71
CA TYR C 26 12.26 16.91 -14.28
C TYR C 26 11.22 17.98 -13.98
N LEU C 27 10.18 18.06 -14.83
CA LEU C 27 9.10 19.01 -14.67
C LEU C 27 7.76 18.30 -14.50
N ASP C 28 7.77 17.15 -13.83
CA ASP C 28 6.56 16.38 -13.58
C ASP C 28 6.41 16.04 -12.11
N SER C 29 6.99 16.85 -11.23
CA SER C 29 6.88 16.59 -9.80
C SER C 29 5.43 16.43 -9.36
N ALA C 30 4.50 17.13 -10.00
CA ALA C 30 3.10 16.96 -9.65
C ALA C 30 2.66 15.50 -9.83
N ALA C 31 3.15 14.83 -10.87
CA ALA C 31 2.85 13.42 -11.03
C ALA C 31 3.52 12.59 -9.94
N SER C 32 4.73 12.98 -9.55
CA SER C 32 5.46 12.39 -8.42
C SER C 32 6.72 13.21 -8.21
N ALA C 33 7.02 13.49 -6.95
CA ALA C 33 8.19 14.29 -6.62
C ALA C 33 9.41 13.40 -6.44
N GLN C 34 10.59 13.96 -6.74
CA GLN C 34 11.82 13.23 -6.54
C GLN C 34 12.14 13.17 -5.05
N LYS C 35 12.89 12.14 -4.65
CA LYS C 35 13.14 11.98 -3.21
C LYS C 35 14.56 12.41 -2.89
N PRO C 36 14.77 13.26 -1.88
CA PRO C 36 16.15 13.59 -1.50
C PRO C 36 16.88 12.35 -1.03
N SER C 37 18.20 12.46 -0.95
CA SER C 37 18.99 11.34 -0.44
C SER C 37 18.65 11.02 0.99
N GLN C 38 18.20 12.03 1.75
CA GLN C 38 17.86 11.81 3.15
C GLN C 38 16.76 10.75 3.30
N VAL C 39 15.70 10.84 2.50
CA VAL C 39 14.58 9.92 2.66
C VAL C 39 14.98 8.51 2.24
N ILE C 40 15.70 8.41 1.13
CA ILE C 40 16.20 7.11 0.69
C ILE C 40 17.04 6.47 1.79
N ASP C 41 17.92 7.26 2.39
CA ASP C 41 18.81 6.74 3.43
C ASP C 41 18.05 6.38 4.69
N ALA C 42 17.07 7.19 5.08
CA ALA C 42 16.24 6.85 6.23
C ALA C 42 15.61 5.47 6.05
N GLU C 43 14.88 5.28 4.95
CA GLU C 43 14.27 3.98 4.69
C GLU C 43 15.30 2.86 4.69
N ALA C 44 16.40 3.06 3.95
CA ALA C 44 17.36 1.97 3.77
C ALA C 44 18.06 1.63 5.08
N GLU C 45 18.31 2.62 5.93
CA GLU C 45 18.94 2.37 7.21
C GLU C 45 18.00 1.65 8.16
N PHE C 46 16.75 2.11 8.27
CA PHE C 46 15.76 1.35 9.03
C PHE C 46 15.74 -0.10 8.56
N TYR C 47 15.87 -0.32 7.25
CA TYR C 47 15.92 -1.69 6.74
C TYR C 47 17.19 -2.42 7.17
N ARG C 48 18.32 -1.71 7.21
CA ARG C 48 19.62 -2.37 7.41
C ARG C 48 19.89 -2.68 8.88
N HIS C 49 19.62 -1.74 9.78
CA HIS C 49 20.03 -1.86 11.18
C HIS C 49 18.86 -1.73 12.15
N GLY C 50 17.74 -2.39 11.86
CA GLY C 50 16.62 -2.38 12.79
C GLY C 50 15.25 -2.64 12.21
N TYR C 51 15.13 -3.65 11.36
CA TYR C 51 13.84 -4.02 10.79
C TYR C 51 13.26 -5.21 11.56
N ALA C 52 11.97 -5.16 11.82
CA ALA C 52 11.25 -6.23 12.49
C ALA C 52 9.75 -5.96 12.39
N ALA C 53 8.95 -6.91 12.87
CA ALA C 53 7.50 -6.76 12.82
C ALA C 53 7.05 -5.65 13.76
N VAL C 54 5.89 -5.07 13.46
CA VAL C 54 5.44 -3.88 14.17
C VAL C 54 4.05 -4.07 14.77
N HIS C 55 3.84 -5.18 15.46
CA HIS C 55 2.56 -5.44 16.11
C HIS C 55 2.77 -5.61 17.61
N ARG C 56 3.37 -4.60 18.26
CA ARG C 56 3.66 -4.64 19.70
C ARG C 56 4.40 -5.90 20.11
N GLY C 57 5.33 -6.35 19.27
CA GLY C 57 6.06 -7.57 19.52
C GLY C 57 6.79 -7.56 20.85
N ILE C 58 7.32 -8.70 21.26
CA ILE C 58 7.93 -8.79 22.58
C ILE C 58 9.39 -8.36 22.54
N HIS C 59 10.15 -8.84 21.56
CA HIS C 59 11.57 -8.55 21.51
C HIS C 59 11.82 -7.07 21.21
N THR C 60 13.08 -6.65 21.43
CA THR C 60 13.40 -5.23 21.41
C THR C 60 13.12 -4.61 20.04
N LEU C 61 13.57 -5.26 18.98
CA LEU C 61 13.48 -4.67 17.64
C LEU C 61 12.05 -4.35 17.26
N SER C 62 11.12 -5.24 17.59
CA SER C 62 9.71 -5.02 17.22
C SER C 62 9.14 -3.82 17.97
N ALA C 63 9.40 -3.73 19.29
CA ALA C 63 8.89 -2.63 20.09
C ALA C 63 9.50 -1.31 19.64
N GLN C 64 10.77 -1.32 19.25
CA GLN C 64 11.39 -0.12 18.71
C GLN C 64 10.75 0.27 17.38
N ALA C 65 10.47 -0.71 16.51
CA ALA C 65 9.85 -0.40 15.23
C ALA C 65 8.46 0.19 15.41
N THR C 66 7.70 -0.36 16.36
CA THR C 66 6.37 0.18 16.65
C THR C 66 6.47 1.61 17.18
N GLU C 67 7.43 1.86 18.07
CA GLU C 67 7.69 3.24 18.50
C GLU C 67 8.00 4.15 17.33
N LYS C 68 8.83 3.68 16.39
CA LYS C 68 9.19 4.51 15.24
C LYS C 68 7.96 4.85 14.40
N MET C 69 7.14 3.86 14.12
CA MET C 69 5.93 4.10 13.33
C MET C 69 5.01 5.10 14.02
N GLU C 70 4.85 4.96 15.33
CA GLU C 70 3.97 5.90 16.02
C GLU C 70 4.58 7.30 16.07
N ASN C 71 5.91 7.40 16.14
CA ASN C 71 6.54 8.71 16.09
C ASN C 71 6.31 9.37 14.73
N VAL C 72 6.37 8.59 13.66
CA VAL C 72 6.10 9.12 12.33
C VAL C 72 4.66 9.60 12.24
N ARG C 73 3.72 8.83 12.78
CA ARG C 73 2.33 9.28 12.83
C ARG C 73 2.20 10.59 13.58
N LYS C 74 2.94 10.74 14.69
CA LYS C 74 2.88 11.98 15.45
C LYS C 74 3.44 13.15 14.63
N ARG C 75 4.58 12.93 13.97
CA ARG C 75 5.13 13.97 13.10
C ARG C 75 4.12 14.41 12.06
N ALA C 76 3.47 13.44 11.39
CA ALA C 76 2.49 13.77 10.36
C ALA C 76 1.31 14.54 10.95
N SER C 77 0.90 14.19 12.17
CA SER C 77 -0.21 14.91 12.81
C SER C 77 0.19 16.33 13.14
N LEU C 78 1.45 16.54 13.55
CA LEU C 78 1.94 17.89 13.77
C LEU C 78 2.04 18.66 12.46
N PHE C 79 2.33 17.98 11.35
CA PHE C 79 2.45 18.65 10.07
C PHE C 79 1.18 19.40 9.72
N ILE C 80 0.07 18.68 9.56
CA ILE C 80 -1.21 19.30 9.24
C ILE C 80 -1.84 20.01 10.42
N ASN C 81 -1.29 19.87 11.63
CA ASN C 81 -1.78 20.54 12.82
C ASN C 81 -3.09 19.92 13.33
N ALA C 82 -3.11 18.59 13.38
CA ALA C 82 -4.28 17.88 13.89
C ALA C 82 -4.25 17.86 15.42
N ARG C 83 -5.43 17.79 16.02
CA ARG C 83 -5.51 17.81 17.48
C ARG C 83 -4.78 16.62 18.09
N SER C 84 -5.05 15.43 17.57
CA SER C 84 -4.52 14.19 18.13
C SER C 84 -3.90 13.35 17.03
N ALA C 85 -2.78 12.70 17.34
CA ALA C 85 -2.17 11.77 16.40
C ALA C 85 -3.10 10.60 16.08
N GLU C 86 -4.05 10.31 16.96
CA GLU C 86 -5.06 9.28 16.73
C GLU C 86 -6.15 9.74 15.76
N GLU C 87 -5.95 10.86 15.07
CA GLU C 87 -6.85 11.33 14.04
C GLU C 87 -6.26 11.16 12.64
N LEU C 88 -5.13 10.47 12.52
CA LEU C 88 -4.47 10.22 11.25
C LEU C 88 -4.34 8.71 11.05
N VAL C 89 -4.74 8.23 9.87
CA VAL C 89 -4.60 6.83 9.50
C VAL C 89 -3.62 6.72 8.35
N PHE C 90 -2.78 5.68 8.40
CA PHE C 90 -1.88 5.37 7.31
C PHE C 90 -2.62 4.58 6.25
N VAL C 91 -2.38 4.92 4.99
CA VAL C 91 -3.02 4.31 3.84
C VAL C 91 -2.00 4.18 2.73
N ARG C 92 -2.44 3.71 1.57
CA ARG C 92 -1.52 3.63 0.43
C ARG C 92 -1.33 4.99 -0.23
N GLY C 93 -2.40 5.77 -0.31
CA GLY C 93 -2.32 7.10 -0.90
C GLY C 93 -3.67 7.77 -0.84
N THR C 94 -3.74 8.94 -1.48
CA THR C 94 -5.00 9.69 -1.50
C THR C 94 -6.13 8.88 -2.12
N THR C 95 -5.81 8.04 -3.10
CA THR C 95 -6.84 7.21 -3.72
C THR C 95 -7.45 6.24 -2.70
N GLU C 96 -6.59 5.46 -2.03
CA GLU C 96 -7.08 4.51 -1.03
C GLU C 96 -7.72 5.22 0.15
N GLY C 97 -7.22 6.39 0.55
CA GLY C 97 -7.86 7.14 1.61
C GLY C 97 -9.27 7.54 1.26
N ILE C 98 -9.46 8.09 0.05
CA ILE C 98 -10.80 8.50 -0.37
C ILE C 98 -11.72 7.30 -0.47
N ASN C 99 -11.20 6.18 -1.00
CA ASN C 99 -12.02 4.97 -1.05
C ASN C 99 -12.43 4.51 0.35
N LEU C 100 -11.49 4.55 1.29
CA LEU C 100 -11.79 4.14 2.67
C LEU C 100 -12.87 5.02 3.26
N VAL C 101 -12.71 6.35 3.15
CA VAL C 101 -13.73 7.24 3.69
C VAL C 101 -15.08 6.99 3.03
N ALA C 102 -15.09 6.77 1.71
CA ALA C 102 -16.35 6.59 1.00
C ALA C 102 -17.05 5.29 1.41
N ASN C 103 -16.28 4.22 1.66
CA ASN C 103 -16.89 2.95 2.03
C ASN C 103 -17.29 2.93 3.50
N SER C 104 -16.34 3.22 4.39
CA SER C 104 -16.57 3.22 5.83
C SER C 104 -17.61 4.28 6.21
N TRP C 105 -17.24 5.55 6.15
CA TRP C 105 -18.14 6.62 6.56
C TRP C 105 -19.33 6.75 5.61
N GLY C 106 -19.12 6.51 4.31
CA GLY C 106 -20.18 6.67 3.34
C GLY C 106 -21.32 5.68 3.50
N ASN C 107 -21.01 4.38 3.44
CA ASN C 107 -22.05 3.36 3.47
C ASN C 107 -22.95 3.46 4.70
N SER C 108 -22.53 4.20 5.72
CA SER C 108 -23.31 4.36 6.93
C SER C 108 -23.88 5.76 7.08
N ASN C 109 -23.58 6.68 6.17
CA ASN C 109 -24.02 8.06 6.29
C ASN C 109 -24.69 8.62 5.04
N VAL C 110 -24.89 7.82 3.99
CA VAL C 110 -25.53 8.27 2.76
C VAL C 110 -26.48 7.18 2.29
N ARG C 111 -27.72 7.57 2.00
CA ARG C 111 -28.78 6.64 1.59
C ARG C 111 -29.51 7.21 0.38
N ALA C 112 -30.48 6.46 -0.11
CA ALA C 112 -31.28 6.94 -1.24
C ALA C 112 -31.94 8.27 -0.88
N GLY C 113 -32.03 9.16 -1.86
CA GLY C 113 -32.59 10.47 -1.65
C GLY C 113 -31.58 11.53 -1.25
N ASP C 114 -30.41 11.15 -0.76
CA ASP C 114 -29.37 12.11 -0.40
C ASP C 114 -28.67 12.59 -1.67
N ASN C 115 -27.60 13.36 -1.49
CA ASN C 115 -26.83 13.84 -2.63
C ASN C 115 -25.44 14.24 -2.15
N ILE C 116 -24.45 14.03 -3.00
CA ILE C 116 -23.06 14.37 -2.72
C ILE C 116 -22.61 15.40 -3.74
N ILE C 117 -21.76 16.33 -3.30
CA ILE C 117 -21.33 17.46 -4.11
C ILE C 117 -19.82 17.34 -4.33
N ILE C 118 -19.41 17.43 -5.59
CA ILE C 118 -18.00 17.50 -5.98
C ILE C 118 -17.81 18.65 -6.95
N SER C 119 -16.57 18.88 -7.35
CA SER C 119 -16.24 19.93 -8.31
C SER C 119 -15.87 19.34 -9.66
N GLN C 120 -16.08 20.14 -10.70
CA GLN C 120 -15.75 19.70 -12.05
C GLN C 120 -14.25 19.60 -12.30
N MET C 121 -13.43 20.18 -11.43
CA MET C 121 -11.98 20.10 -11.55
C MET C 121 -11.39 18.89 -10.86
N GLU C 122 -12.22 18.01 -10.32
CA GLU C 122 -11.73 16.99 -9.39
C GLU C 122 -10.96 15.90 -10.11
N HIS C 123 -9.93 15.41 -9.44
CA HIS C 123 -9.16 14.25 -9.88
C HIS C 123 -10.06 13.02 -9.90
N HIS C 124 -9.66 12.02 -10.71
CA HIS C 124 -10.42 10.77 -10.75
C HIS C 124 -10.48 10.12 -9.37
N ALA C 125 -9.41 10.24 -8.59
CA ALA C 125 -9.40 9.69 -7.23
C ALA C 125 -10.46 10.36 -6.37
N ASN C 126 -10.83 11.60 -6.70
CA ASN C 126 -11.88 12.32 -5.98
C ASN C 126 -13.20 12.34 -6.75
N ILE C 127 -13.42 11.34 -7.61
CA ILE C 127 -14.62 11.29 -8.44
C ILE C 127 -15.23 9.89 -8.44
N VAL C 128 -14.40 8.88 -8.65
CA VAL C 128 -14.86 7.51 -8.87
C VAL C 128 -15.42 6.88 -7.59
N PRO C 129 -14.74 7.02 -6.45
CA PRO C 129 -15.30 6.45 -5.22
C PRO C 129 -16.70 6.95 -4.91
N TRP C 130 -16.94 8.26 -5.05
CA TRP C 130 -18.26 8.79 -4.78
C TRP C 130 -19.28 8.28 -5.80
N GLN C 131 -18.85 8.03 -7.05
CA GLN C 131 -19.76 7.44 -8.03
C GLN C 131 -20.15 6.03 -7.65
N MET C 132 -19.16 5.21 -7.26
CA MET C 132 -19.47 3.87 -6.76
C MET C 132 -20.44 3.93 -5.59
N LEU C 133 -20.21 4.85 -4.65
CA LEU C 133 -21.09 4.97 -3.49
C LEU C 133 -22.50 5.33 -3.90
N CYS C 134 -22.64 6.34 -4.77
CA CYS C 134 -23.97 6.71 -5.25
C CYS C 134 -24.66 5.53 -5.91
N ALA C 135 -23.92 4.76 -6.71
CA ALA C 135 -24.53 3.61 -7.37
C ALA C 135 -24.93 2.54 -6.36
N ARG C 136 -24.19 2.41 -5.26
CA ARG C 136 -24.52 1.40 -4.26
C ARG C 136 -25.76 1.79 -3.46
N VAL C 137 -25.76 2.99 -2.87
CA VAL C 137 -26.85 3.38 -1.99
C VAL C 137 -28.00 4.05 -2.73
N GLY C 138 -27.73 4.73 -3.84
CA GLY C 138 -28.78 5.39 -4.58
C GLY C 138 -28.91 6.86 -4.23
N ALA C 139 -27.79 7.58 -4.29
CA ALA C 139 -27.75 9.01 -4.05
C ALA C 139 -27.31 9.73 -5.32
N GLU C 140 -27.48 11.05 -5.32
CA GLU C 140 -27.16 11.87 -6.47
C GLU C 140 -25.79 12.51 -6.31
N LEU C 141 -25.14 12.76 -7.44
CA LEU C 141 -23.83 13.41 -7.49
C LEU C 141 -23.99 14.70 -8.28
N ARG C 142 -23.88 15.84 -7.60
CA ARG C 142 -23.95 17.15 -8.23
C ARG C 142 -22.54 17.73 -8.32
N VAL C 143 -22.26 18.42 -9.43
CA VAL C 143 -20.92 18.91 -9.73
C VAL C 143 -20.92 20.44 -9.67
N ILE C 144 -19.93 20.99 -8.97
CA ILE C 144 -19.70 22.43 -8.96
C ILE C 144 -19.11 22.81 -10.30
N PRO C 145 -19.77 23.65 -11.09
CA PRO C 145 -19.23 24.02 -12.41
C PRO C 145 -17.97 24.87 -12.26
N LEU C 146 -17.28 25.02 -13.39
CA LEU C 146 -16.04 25.79 -13.45
C LEU C 146 -16.27 27.05 -14.26
N ASN C 147 -15.53 28.11 -13.92
CA ASN C 147 -15.46 29.28 -14.79
C ASN C 147 -14.34 29.11 -15.79
N PRO C 148 -14.38 29.83 -16.91
CA PRO C 148 -13.33 29.68 -17.93
C PRO C 148 -11.92 29.77 -17.36
N ASP C 149 -11.71 30.55 -16.31
CA ASP C 149 -10.38 30.80 -15.78
C ASP C 149 -9.88 29.72 -14.82
N GLY C 150 -10.63 28.64 -14.63
CA GLY C 150 -10.20 27.57 -13.74
C GLY C 150 -10.57 27.75 -12.29
N THR C 151 -11.58 28.57 -11.98
CA THR C 151 -12.07 28.75 -10.63
C THR C 151 -13.52 28.29 -10.55
N LEU C 152 -13.97 28.01 -9.33
CA LEU C 152 -15.28 27.41 -9.12
C LEU C 152 -16.37 28.47 -9.18
N GLN C 153 -17.49 28.11 -9.83
CA GLN C 153 -18.68 28.96 -9.86
C GLN C 153 -19.38 28.85 -8.51
N LEU C 154 -18.84 29.58 -7.54
CA LEU C 154 -19.35 29.50 -6.17
C LEU C 154 -20.77 30.01 -6.04
N GLU C 155 -21.22 30.89 -6.95
CA GLU C 155 -22.58 31.40 -6.87
C GLU C 155 -23.62 30.29 -7.01
N THR C 156 -23.24 29.13 -7.56
CA THR C 156 -24.15 27.99 -7.69
C THR C 156 -24.25 27.19 -6.40
N LEU C 157 -23.46 27.51 -5.37
CA LEU C 157 -23.52 26.75 -4.13
C LEU C 157 -24.90 26.74 -3.48
N PRO C 158 -25.63 27.85 -3.41
CA PRO C 158 -26.97 27.80 -2.81
C PRO C 158 -27.92 26.80 -3.46
N THR C 159 -27.74 26.51 -4.75
CA THR C 159 -28.62 25.57 -5.45
C THR C 159 -28.08 24.15 -5.49
N LEU C 160 -26.94 23.89 -4.87
CA LEU C 160 -26.39 22.53 -4.77
C LEU C 160 -26.43 21.97 -3.36
N PHE C 161 -26.43 22.82 -2.34
CA PHE C 161 -26.51 22.38 -0.95
C PHE C 161 -27.95 22.48 -0.48
N ASP C 162 -28.52 21.34 -0.09
CA ASP C 162 -29.85 21.31 0.50
C ASP C 162 -29.83 20.53 1.81
N GLU C 163 -31.00 20.31 2.41
CA GLU C 163 -31.09 19.54 3.65
C GLU C 163 -30.63 18.10 3.46
N LYS C 164 -30.46 17.64 2.22
CA LYS C 164 -30.02 16.28 1.94
C LYS C 164 -28.59 16.20 1.45
N THR C 165 -27.86 17.31 1.38
CA THR C 165 -26.45 17.27 1.04
C THR C 165 -25.69 16.63 2.20
N ARG C 166 -25.02 15.51 1.94
CA ARG C 166 -24.33 14.76 2.98
C ARG C 166 -22.84 15.05 3.05
N LEU C 167 -22.19 15.25 1.91
CA LEU C 167 -20.73 15.40 1.88
C LEU C 167 -20.35 16.35 0.75
N LEU C 168 -19.31 17.14 1.01
CA LEU C 168 -18.68 17.98 0.00
C LEU C 168 -17.24 17.48 -0.14
N ALA C 169 -16.96 16.76 -1.21
CA ALA C 169 -15.62 16.24 -1.48
C ALA C 169 -14.97 17.20 -2.46
N ILE C 170 -14.14 18.11 -1.94
CA ILE C 170 -13.55 19.17 -2.74
C ILE C 170 -12.03 19.00 -2.77
N THR C 171 -11.42 19.58 -3.80
CA THR C 171 -9.99 19.53 -3.99
C THR C 171 -9.34 20.80 -3.42
N HIS C 172 -8.26 20.63 -2.68
CA HIS C 172 -7.51 21.77 -2.15
C HIS C 172 -6.84 22.51 -3.30
N VAL C 173 -5.77 21.93 -3.85
CA VAL C 173 -5.08 22.46 -5.01
C VAL C 173 -5.29 21.49 -6.17
N SER C 174 -5.72 22.03 -7.31
CA SER C 174 -6.04 21.20 -8.47
C SER C 174 -4.76 20.76 -9.18
N ASN C 175 -4.64 19.46 -9.45
CA ASN C 175 -3.44 18.91 -10.05
C ASN C 175 -3.32 19.20 -11.55
N VAL C 176 -4.22 20.02 -12.09
CA VAL C 176 -4.19 20.39 -13.51
C VAL C 176 -4.13 21.91 -13.68
N LEU C 177 -4.99 22.63 -12.97
CA LEU C 177 -5.06 24.09 -13.08
C LEU C 177 -4.25 24.80 -12.00
N GLY C 178 -3.78 24.08 -10.98
CA GLY C 178 -3.10 24.73 -9.88
C GLY C 178 -3.96 25.72 -9.14
N THR C 179 -5.29 25.65 -9.29
CA THR C 179 -6.19 26.54 -8.59
C THR C 179 -6.37 26.10 -7.15
N GLU C 180 -6.47 27.07 -6.24
CA GLU C 180 -6.71 26.81 -4.83
C GLU C 180 -8.11 27.30 -4.49
N ASN C 181 -8.97 26.38 -4.03
CA ASN C 181 -10.35 26.72 -3.74
C ASN C 181 -10.47 27.36 -2.35
N PRO C 182 -11.52 28.17 -2.13
CA PRO C 182 -11.72 28.77 -0.81
C PRO C 182 -12.19 27.76 0.22
N LEU C 183 -11.25 27.00 0.79
CA LEU C 183 -11.63 25.87 1.63
C LEU C 183 -12.45 26.31 2.84
N ALA C 184 -12.00 27.34 3.55
CA ALA C 184 -12.66 27.73 4.79
C ALA C 184 -14.10 28.16 4.53
N GLU C 185 -14.32 28.92 3.46
CA GLU C 185 -15.65 29.47 3.20
C GLU C 185 -16.61 28.39 2.71
N MET C 186 -16.17 27.56 1.76
CA MET C 186 -16.99 26.44 1.32
C MET C 186 -17.29 25.50 2.49
N ILE C 187 -16.33 25.33 3.39
CA ILE C 187 -16.52 24.43 4.53
C ILE C 187 -17.52 25.01 5.51
N THR C 188 -17.49 26.33 5.74
CA THR C 188 -18.51 26.97 6.56
C THR C 188 -19.89 26.78 5.95
N LEU C 189 -20.00 27.02 4.64
CA LEU C 189 -21.29 26.83 3.97
C LEU C 189 -21.78 25.39 4.11
N ALA C 190 -20.87 24.42 3.97
CA ALA C 190 -21.25 23.03 4.08
C ALA C 190 -21.72 22.69 5.48
N HIS C 191 -20.94 23.10 6.50
CA HIS C 191 -21.31 22.86 7.89
C HIS C 191 -22.63 23.53 8.25
N GLN C 192 -23.00 24.59 7.54
CA GLN C 192 -24.30 25.22 7.78
C GLN C 192 -25.49 24.36 7.33
N HIS C 193 -25.24 23.27 6.60
CA HIS C 193 -26.33 22.44 6.09
C HIS C 193 -26.37 21.03 6.68
N GLY C 194 -25.31 20.58 7.34
CA GLY C 194 -25.26 19.24 7.87
C GLY C 194 -24.47 18.26 7.04
N ALA C 195 -23.68 18.72 6.08
CA ALA C 195 -22.89 17.87 5.22
C ALA C 195 -21.42 18.03 5.56
N LYS C 196 -20.74 16.91 5.81
CA LYS C 196 -19.32 16.95 6.13
C LYS C 196 -18.53 17.44 4.92
N VAL C 197 -17.22 17.57 5.10
CA VAL C 197 -16.33 18.02 4.03
C VAL C 197 -15.08 17.15 4.03
N LEU C 198 -14.74 16.64 2.86
CA LEU C 198 -13.47 15.96 2.64
C LEU C 198 -12.64 16.81 1.68
N VAL C 199 -11.33 16.88 1.94
CA VAL C 199 -10.45 17.76 1.20
C VAL C 199 -9.29 16.96 0.65
N ASP C 200 -9.15 16.97 -0.68
CA ASP C 200 -8.05 16.30 -1.38
C ASP C 200 -6.90 17.29 -1.50
N GLY C 201 -5.97 17.20 -0.56
CA GLY C 201 -4.82 18.10 -0.57
C GLY C 201 -3.56 17.46 -1.11
N ALA C 202 -3.72 16.38 -1.89
CA ALA C 202 -2.56 15.70 -2.45
C ALA C 202 -1.60 16.66 -3.14
N GLN C 203 -2.09 17.82 -3.57
CA GLN C 203 -1.26 18.79 -4.27
C GLN C 203 -0.91 20.01 -3.42
N ALA C 204 -1.61 20.25 -2.31
CA ALA C 204 -1.42 21.47 -1.55
C ALA C 204 -0.33 21.36 -0.48
N VAL C 205 -0.07 20.16 0.02
CA VAL C 205 0.82 20.00 1.16
C VAL C 205 2.25 20.42 0.81
N MET C 206 2.70 20.08 -0.38
CA MET C 206 4.10 20.28 -0.77
C MET C 206 4.43 21.73 -1.11
N HIS C 207 3.48 22.66 -1.02
CA HIS C 207 3.70 24.03 -1.43
C HIS C 207 3.60 25.04 -0.29
N HIS C 208 2.63 24.89 0.60
CA HIS C 208 2.45 25.82 1.70
C HIS C 208 1.92 25.05 2.89
N PRO C 209 1.88 25.68 4.07
CA PRO C 209 1.40 24.98 5.27
C PRO C 209 -0.10 24.74 5.20
N VAL C 210 -0.51 23.57 5.71
CA VAL C 210 -1.92 23.17 5.75
C VAL C 210 -2.30 22.90 7.20
N ASP C 211 -3.44 23.44 7.64
CA ASP C 211 -3.85 23.41 9.04
C ASP C 211 -5.26 22.82 9.13
N VAL C 212 -5.34 21.51 9.35
CA VAL C 212 -6.63 20.82 9.34
C VAL C 212 -7.60 21.38 10.36
N GLN C 213 -7.11 22.07 11.39
CA GLN C 213 -7.97 22.69 12.40
C GLN C 213 -8.41 24.10 12.01
N ALA C 214 -7.64 24.78 11.15
CA ALA C 214 -8.05 26.08 10.65
C ALA C 214 -9.09 25.97 9.55
N LEU C 215 -9.01 24.92 8.73
CA LEU C 215 -10.02 24.68 7.71
C LEU C 215 -11.29 24.07 8.28
N ASP C 216 -11.21 23.43 9.45
CA ASP C 216 -12.32 22.70 10.06
C ASP C 216 -12.81 21.54 9.21
N CYS C 217 -12.05 21.14 8.20
CA CYS C 217 -12.47 20.03 7.36
C CYS C 217 -12.57 18.76 8.20
N ASP C 218 -13.54 17.92 7.85
CA ASP C 218 -13.77 16.68 8.58
C ASP C 218 -12.89 15.54 8.09
N PHE C 219 -12.54 15.55 6.81
CA PHE C 219 -11.61 14.59 6.24
C PHE C 219 -10.58 15.33 5.42
N TYR C 220 -9.34 14.89 5.47
CA TYR C 220 -8.28 15.45 4.64
C TYR C 220 -7.38 14.32 4.19
N VAL C 221 -6.91 14.37 2.94
CA VAL C 221 -6.13 13.27 2.40
C VAL C 221 -4.89 13.79 1.67
N PHE C 222 -3.86 12.94 1.63
CA PHE C 222 -2.71 13.25 0.78
C PHE C 222 -1.81 12.03 0.64
N SER C 223 -0.95 12.06 -0.38
CA SER C 223 -0.08 10.94 -0.72
C SER C 223 1.38 11.29 -0.46
N GLY C 224 2.17 10.25 -0.15
CA GLY C 224 3.54 10.45 0.29
C GLY C 224 4.55 10.63 -0.82
N HIS C 225 4.33 9.99 -1.97
CA HIS C 225 5.21 10.15 -3.11
C HIS C 225 5.15 11.54 -3.72
N1 LLP C 226 -5.73 13.72 -6.05
C2 LLP C 226 -4.75 14.55 -6.54
C2' LLP C 226 -5.04 16.01 -6.65
C3 LLP C 226 -3.51 14.03 -6.92
O3 LLP C 226 -2.54 14.85 -7.41
C4 LLP C 226 -3.27 12.65 -6.81
C4' LLP C 226 -1.96 12.05 -7.20
C5 LLP C 226 -4.28 11.82 -6.31
C6 LLP C 226 -5.50 12.36 -5.93
C5' LLP C 226 -4.02 10.34 -6.18
OP4 LLP C 226 -2.82 10.07 -5.47
P LLP C 226 -2.43 8.54 -5.13
OP1 LLP C 226 -2.07 7.84 -6.42
OP2 LLP C 226 -3.62 7.83 -4.50
OP3 LLP C 226 -1.27 8.51 -4.17
N LLP C 226 4.13 12.33 -3.39
CA LLP C 226 4.03 13.71 -3.83
CB LLP C 226 2.57 14.09 -4.12
CG LLP C 226 1.91 13.29 -5.22
CD LLP C 226 0.67 14.02 -5.71
CE LLP C 226 0.15 13.42 -7.00
NZ LLP C 226 -0.59 12.14 -6.79
C LLP C 226 4.61 14.69 -2.81
O LLP C 226 4.62 15.90 -3.09
N LEU C 227 5.08 14.21 -1.66
CA LEU C 227 5.74 15.04 -0.66
C LEU C 227 7.23 14.71 -0.54
N TYR C 228 7.85 14.29 -1.64
CA TYR C 228 9.26 13.94 -1.71
C TYR C 228 9.59 12.67 -0.94
N GLY C 229 8.59 11.97 -0.41
CA GLY C 229 8.79 10.73 0.29
C GLY C 229 8.56 9.54 -0.61
N PRO C 230 8.59 8.33 -0.05
CA PRO C 230 8.44 7.13 -0.87
C PRO C 230 6.98 6.87 -1.23
N THR C 231 6.79 5.88 -2.10
CA THR C 231 5.46 5.49 -2.56
C THR C 231 4.84 4.47 -1.60
N GLY C 232 3.59 4.10 -1.88
CA GLY C 232 2.89 3.12 -1.08
C GLY C 232 2.41 3.59 0.27
N ILE C 233 2.71 4.83 0.66
CA ILE C 233 2.27 5.38 1.94
C ILE C 233 1.56 6.70 1.70
N GLY C 234 0.62 7.01 2.58
CA GLY C 234 -0.15 8.23 2.49
C GLY C 234 -0.94 8.42 3.77
N ILE C 235 -1.44 9.64 3.95
CA ILE C 235 -2.07 10.03 5.21
C ILE C 235 -3.51 10.41 4.96
N LEU C 236 -4.40 9.94 5.86
CA LEU C 236 -5.80 10.32 5.86
C LEU C 236 -6.16 10.82 7.25
N TYR C 237 -6.36 12.13 7.37
CA TYR C 237 -6.79 12.72 8.63
C TYR C 237 -8.31 12.74 8.70
N VAL C 238 -8.83 12.34 9.85
CA VAL C 238 -10.27 12.33 10.12
C VAL C 238 -10.51 12.92 11.50
N LYS C 239 -11.51 13.80 11.60
CA LYS C 239 -11.87 14.35 12.88
C LYS C 239 -12.17 13.24 13.86
N GLU C 240 -11.59 13.33 15.07
CA GLU C 240 -11.73 12.27 16.06
C GLU C 240 -13.19 11.91 16.29
N ALA C 241 -14.08 12.92 16.26
CA ALA C 241 -15.50 12.65 16.49
C ALA C 241 -16.04 11.67 15.46
N LEU C 242 -15.74 11.89 14.18
CA LEU C 242 -16.20 10.98 13.15
C LEU C 242 -15.39 9.69 13.13
N LEU C 243 -14.06 9.82 13.27
CA LEU C 243 -13.20 8.64 13.17
C LEU C 243 -13.52 7.60 14.25
N GLN C 244 -13.95 8.04 15.44
CA GLN C 244 -14.28 7.10 16.51
C GLN C 244 -15.59 6.36 16.27
N GLU C 245 -16.35 6.71 15.23
CA GLU C 245 -17.63 6.08 14.97
C GLU C 245 -17.71 5.37 13.62
N MET C 246 -16.69 5.44 12.80
CA MET C 246 -16.70 4.81 11.48
C MET C 246 -16.39 3.32 11.61
N PRO C 247 -17.15 2.44 10.98
CA PRO C 247 -16.89 1.00 11.08
C PRO C 247 -15.60 0.64 10.37
N PRO C 248 -15.19 -0.64 10.42
CA PRO C 248 -13.92 -1.04 9.79
C PRO C 248 -14.09 -1.39 8.32
N TRP C 249 -13.07 -1.05 7.55
CA TRP C 249 -13.04 -1.33 6.11
C TRP C 249 -12.45 -2.72 5.84
N GLU C 250 -11.13 -2.78 5.67
CA GLU C 250 -10.47 -4.06 5.48
C GLU C 250 -10.40 -4.81 6.81
N GLY C 251 -10.49 -6.14 6.72
CA GLY C 251 -10.54 -6.99 7.90
C GLY C 251 -9.39 -7.98 7.92
N GLY C 252 -8.78 -8.15 9.09
CA GLY C 252 -7.69 -9.09 9.25
C GLY C 252 -7.05 -9.03 10.62
N GLY C 253 -5.72 -8.98 10.66
CA GLY C 253 -5.01 -8.91 11.90
C GLY C 253 -4.68 -7.48 12.32
N SER C 254 -4.44 -7.32 13.62
CA SER C 254 -4.07 -6.02 14.21
C SER C 254 -5.32 -5.19 14.52
N MET C 255 -6.12 -4.90 13.48
CA MET C 255 -7.32 -4.09 13.66
C MET C 255 -8.39 -4.76 14.52
N ILE C 256 -8.21 -6.03 14.88
CA ILE C 256 -9.20 -6.74 15.69
C ILE C 256 -8.82 -6.66 17.16
N ALA C 257 -9.76 -7.00 18.02
CA ALA C 257 -9.54 -7.14 19.45
C ALA C 257 -9.81 -8.54 19.95
N THR C 258 -10.76 -9.24 19.35
CA THR C 258 -10.97 -10.67 19.56
C THR C 258 -11.53 -11.23 18.25
N VAL C 259 -11.19 -12.49 17.98
CA VAL C 259 -11.61 -13.15 16.74
C VAL C 259 -12.11 -14.54 17.10
N SER C 260 -13.41 -14.75 16.97
CA SER C 260 -14.06 -16.01 17.32
C SER C 260 -14.92 -16.48 16.16
N LEU C 261 -14.92 -17.80 15.94
CA LEU C 261 -15.73 -18.42 14.91
C LEU C 261 -17.13 -18.77 15.38
N SER C 262 -17.44 -18.58 16.66
CA SER C 262 -18.76 -18.85 17.20
C SER C 262 -19.37 -17.69 17.96
N GLU C 263 -18.60 -16.68 18.34
CA GLU C 263 -19.13 -15.51 19.04
C GLU C 263 -18.87 -14.22 18.27
N GLY C 264 -18.50 -14.32 16.99
CA GLY C 264 -18.26 -13.15 16.17
C GLY C 264 -16.86 -12.61 16.31
N THR C 265 -16.69 -11.35 15.93
CA THR C 265 -15.43 -10.64 16.01
C THR C 265 -15.70 -9.21 16.46
N THR C 266 -14.75 -8.65 17.20
CA THR C 266 -14.80 -7.26 17.65
C THR C 266 -13.54 -6.53 17.19
N TRP C 267 -13.66 -5.22 17.06
CA TRP C 267 -12.64 -4.39 16.44
C TRP C 267 -11.88 -3.59 17.50
N THR C 268 -10.72 -3.09 17.10
CA THR C 268 -9.87 -2.32 17.99
C THR C 268 -10.27 -0.85 17.94
N LYS C 269 -9.63 -0.03 18.78
CA LYS C 269 -9.97 1.39 18.87
C LYS C 269 -9.69 2.10 17.56
N ALA C 270 -9.62 3.44 17.61
CA ALA C 270 -9.47 4.26 16.42
C ALA C 270 -8.14 3.99 15.71
N PRO C 271 -7.45 5.01 15.17
CA PRO C 271 -6.52 4.76 14.04
C PRO C 271 -6.35 3.32 13.57
N TRP C 272 -5.83 2.44 14.42
CA TRP C 272 -5.50 1.06 14.00
C TRP C 272 -6.69 0.30 13.39
N ARG C 273 -7.94 0.64 13.72
CA ARG C 273 -9.06 -0.14 13.21
C ARG C 273 -9.13 -0.11 11.69
N PHE C 274 -8.48 0.88 11.07
CA PHE C 274 -8.47 1.05 9.62
C PHE C 274 -7.11 0.73 9.01
N GLU C 275 -6.32 -0.15 9.65
CA GLU C 275 -4.98 -0.49 9.20
C GLU C 275 -4.81 -2.00 9.32
N ALA C 276 -5.36 -2.72 8.33
CA ALA C 276 -5.33 -4.18 8.38
C ALA C 276 -4.00 -4.71 7.87
N GLY C 277 -3.61 -5.88 8.39
CA GLY C 277 -2.39 -6.52 7.98
C GLY C 277 -1.13 -5.75 8.39
N THR C 278 -0.02 -6.17 7.82
CA THR C 278 1.26 -5.55 8.11
C THR C 278 1.35 -4.19 7.43
N PRO C 279 1.60 -3.12 8.16
CA PRO C 279 1.70 -1.81 7.51
C PRO C 279 3.02 -1.66 6.78
N ASN C 280 3.04 -0.71 5.85
CA ASN C 280 4.27 -0.39 5.14
C ASN C 280 5.22 0.34 6.09
N THR C 281 6.05 -0.43 6.80
CA THR C 281 6.91 0.15 7.83
C THR C 281 8.00 1.02 7.20
N GLY C 282 8.72 0.49 6.22
CA GLY C 282 9.75 1.27 5.55
C GLY C 282 9.18 2.51 4.89
N GLY C 283 7.99 2.37 4.29
CA GLY C 283 7.35 3.53 3.70
C GLY C 283 7.05 4.61 4.72
N ILE C 284 6.62 4.20 5.92
CA ILE C 284 6.33 5.17 6.96
C ILE C 284 7.62 5.84 7.45
N ILE C 285 8.70 5.06 7.56
CA ILE C 285 10.00 5.63 7.94
C ILE C 285 10.40 6.71 6.94
N GLY C 286 10.31 6.38 5.65
CA GLY C 286 10.68 7.34 4.62
C GLY C 286 9.77 8.56 4.60
N LEU C 287 8.48 8.36 4.84
CA LEU C 287 7.55 9.49 4.85
C LEU C 287 7.85 10.42 6.01
N GLY C 288 8.13 9.88 7.19
CA GLY C 288 8.58 10.71 8.30
C GLY C 288 9.86 11.46 7.96
N ALA C 289 10.81 10.77 7.31
CA ALA C 289 12.05 11.41 6.92
C ALA C 289 11.80 12.60 5.98
N ALA C 290 10.93 12.40 4.99
CA ALA C 290 10.61 13.47 4.06
C ALA C 290 9.89 14.62 4.76
N LEU C 291 8.99 14.30 5.69
CA LEU C 291 8.34 15.33 6.49
C LEU C 291 9.37 16.18 7.21
N GLU C 292 10.31 15.52 7.89
CA GLU C 292 11.39 16.23 8.58
C GLU C 292 12.17 17.10 7.61
N TYR C 293 12.47 16.58 6.41
CA TYR C 293 13.20 17.34 5.41
C TYR C 293 12.45 18.63 5.04
N VAL C 294 11.20 18.47 4.60
CA VAL C 294 10.42 19.62 4.18
C VAL C 294 10.29 20.64 5.30
N SER C 295 10.10 20.16 6.54
CA SER C 295 10.00 21.10 7.65
C SER C 295 11.32 21.83 7.89
N ALA C 296 12.44 21.13 7.73
CA ALA C 296 13.75 21.76 7.84
C ALA C 296 13.92 22.86 6.79
N LEU C 297 13.33 22.67 5.61
CA LEU C 297 13.43 23.69 4.56
C LEU C 297 12.43 24.84 4.75
N GLY C 298 11.39 24.65 5.56
CA GLY C 298 10.41 25.70 5.79
C GLY C 298 9.46 25.91 4.62
N LEU C 299 8.21 25.50 4.80
CA LEU C 299 7.25 25.57 3.70
C LEU C 299 7.07 26.98 3.17
N ASN C 300 7.28 28.00 4.01
CA ASN C 300 7.10 29.37 3.54
C ASN C 300 8.20 29.78 2.57
N ASN C 301 9.44 29.37 2.83
CA ASN C 301 10.52 29.64 1.87
C ASN C 301 10.29 28.88 0.58
N ILE C 302 9.83 27.63 0.68
CA ILE C 302 9.49 26.86 -0.50
C ILE C 302 8.41 27.57 -1.31
N ALA C 303 7.36 28.07 -0.63
CA ALA C 303 6.27 28.73 -1.33
C ALA C 303 6.73 30.03 -1.99
N GLU C 304 7.57 30.79 -1.30
CA GLU C 304 8.10 32.02 -1.88
C GLU C 304 8.92 31.71 -3.14
N TYR C 305 9.85 30.76 -3.04
CA TYR C 305 10.64 30.38 -4.19
C TYR C 305 9.75 29.90 -5.34
N GLU C 306 8.74 29.10 -5.02
CA GLU C 306 7.90 28.52 -6.08
C GLU C 306 7.02 29.58 -6.73
N GLN C 307 6.55 30.55 -5.97
CA GLN C 307 5.77 31.63 -6.56
C GLN C 307 6.63 32.52 -7.45
N ASN C 308 7.86 32.82 -7.01
CA ASN C 308 8.78 33.58 -7.86
C ASN C 308 9.09 32.82 -9.15
N LEU C 309 9.37 31.52 -9.04
CA LEU C 309 9.68 30.73 -10.22
C LEU C 309 8.48 30.62 -11.16
N MET C 310 7.27 30.50 -10.59
CA MET C 310 6.07 30.44 -11.42
C MET C 310 5.85 31.75 -12.16
N HIS C 311 6.06 32.88 -11.48
CA HIS C 311 5.94 34.17 -12.17
C HIS C 311 6.97 34.29 -13.28
N TYR C 312 8.21 33.87 -13.01
CA TYR C 312 9.23 33.94 -14.06
C TYR C 312 8.85 33.07 -15.25
N ALA C 313 8.35 31.87 -15.00
CA ALA C 313 8.02 30.96 -16.10
C ALA C 313 6.80 31.45 -16.88
N LEU C 314 5.80 32.03 -16.20
CA LEU C 314 4.66 32.58 -16.90
C LEU C 314 5.03 33.82 -17.70
N SER C 315 6.04 34.57 -17.24
CA SER C 315 6.53 35.68 -18.05
C SER C 315 7.28 35.17 -19.28
N GLN C 316 8.06 34.11 -19.11
CA GLN C 316 8.83 33.57 -20.22
C GLN C 316 7.95 32.90 -21.27
N LEU C 317 6.85 32.27 -20.84
CA LEU C 317 5.96 31.57 -21.77
C LEU C 317 5.05 32.50 -22.54
N GLU C 318 5.20 33.81 -22.41
CA GLU C 318 4.48 34.73 -23.27
C GLU C 318 5.16 34.88 -24.63
N SER C 319 6.47 34.72 -24.68
CA SER C 319 7.23 34.75 -25.92
C SER C 319 7.11 33.45 -26.72
N VAL C 320 6.16 32.60 -26.39
CA VAL C 320 5.87 31.39 -27.15
C VAL C 320 4.56 31.65 -27.92
N PRO C 321 4.61 31.80 -29.24
CA PRO C 321 3.38 32.11 -29.98
C PRO C 321 2.41 30.96 -29.94
N ASP C 322 1.12 31.30 -29.98
CA ASP C 322 0.03 30.34 -30.06
C ASP C 322 0.03 29.33 -28.91
N LEU C 323 0.66 29.67 -27.79
CA LEU C 323 0.52 28.87 -26.59
C LEU C 323 -0.79 29.24 -25.91
N THR C 324 -1.45 28.25 -25.32
CA THR C 324 -2.70 28.46 -24.61
C THR C 324 -2.57 27.84 -23.23
N LEU C 325 -2.73 28.66 -22.19
CA LEU C 325 -2.61 28.20 -20.82
C LEU C 325 -4.00 27.99 -20.21
N TYR C 326 -4.06 27.12 -19.20
CA TYR C 326 -5.31 26.74 -18.57
C TYR C 326 -5.18 26.95 -17.07
N GLY C 327 -6.09 27.73 -16.49
CA GLY C 327 -6.06 27.99 -15.08
C GLY C 327 -5.91 29.47 -14.77
N PRO C 328 -6.06 29.81 -13.50
CA PRO C 328 -5.92 31.22 -13.10
C PRO C 328 -4.45 31.64 -13.09
N GLN C 329 -4.26 32.96 -13.07
CA GLN C 329 -2.91 33.50 -12.98
C GLN C 329 -2.22 33.09 -11.69
N ASN C 330 -2.99 32.95 -10.60
CA ASN C 330 -2.46 32.61 -9.29
C ASN C 330 -2.32 31.10 -9.08
N ARG C 331 -2.03 30.35 -10.14
CA ARG C 331 -1.89 28.91 -10.02
C ARG C 331 -0.69 28.55 -9.15
N LEU C 332 -0.66 27.30 -8.70
CA LEU C 332 0.39 26.81 -7.81
C LEU C 332 0.99 25.53 -8.39
N GLY C 333 2.32 25.50 -8.46
CA GLY C 333 3.03 24.28 -8.76
C GLY C 333 2.99 23.78 -10.20
N VAL C 334 1.84 23.91 -10.88
CA VAL C 334 1.65 23.29 -12.18
C VAL C 334 1.18 24.32 -13.19
N ILE C 335 1.61 24.12 -14.44
CA ILE C 335 1.11 24.89 -15.58
C ILE C 335 0.60 23.89 -16.61
N ALA C 336 -0.68 24.02 -16.97
CA ALA C 336 -1.31 23.23 -18.02
C ALA C 336 -1.46 24.11 -19.27
N PHE C 337 -1.19 23.54 -20.43
CA PHE C 337 -1.12 24.33 -21.65
C PHE C 337 -1.30 23.44 -22.86
N ASN C 338 -1.33 24.08 -24.03
CA ASN C 338 -1.36 23.43 -25.33
C ASN C 338 -0.67 24.35 -26.33
N LEU C 339 0.23 23.78 -27.13
CA LEU C 339 1.02 24.57 -28.09
C LEU C 339 0.27 24.59 -29.42
N GLY C 340 -0.41 25.71 -29.69
CA GLY C 340 -1.18 25.84 -30.91
C GLY C 340 -2.15 24.69 -31.08
N LYS C 341 -2.49 24.39 -32.33
CA LYS C 341 -3.34 23.25 -32.64
C LYS C 341 -2.60 21.92 -32.54
N HIS C 342 -1.35 21.91 -32.11
CA HIS C 342 -0.59 20.67 -32.02
C HIS C 342 -1.05 19.85 -30.83
N HIS C 343 -1.17 18.54 -31.04
CA HIS C 343 -1.62 17.67 -29.97
C HIS C 343 -0.59 17.64 -28.84
N ALA C 344 -1.09 17.44 -27.62
CA ALA C 344 -0.18 17.43 -26.47
C ALA C 344 0.82 16.29 -26.57
N TYR C 345 0.44 15.15 -27.15
CA TYR C 345 1.34 14.02 -27.20
C TYR C 345 2.61 14.36 -27.98
N ASP C 346 2.48 15.12 -29.06
CA ASP C 346 3.65 15.47 -29.87
C ASP C 346 4.53 16.49 -29.16
N VAL C 347 3.90 17.55 -28.62
CA VAL C 347 4.64 18.53 -27.84
C VAL C 347 5.45 17.84 -26.76
N GLY C 348 4.83 16.88 -26.06
CA GLY C 348 5.52 16.21 -24.97
C GLY C 348 6.60 15.27 -25.46
N SER C 349 6.33 14.51 -26.53
CA SER C 349 7.34 13.61 -27.06
C SER C 349 8.59 14.39 -27.46
N PHE C 350 8.40 15.51 -28.17
CA PHE C 350 9.53 16.37 -28.50
C PHE C 350 10.22 16.88 -27.24
N LEU C 351 9.47 17.53 -26.35
CA LEU C 351 10.08 18.08 -25.14
C LEU C 351 10.93 17.04 -24.43
N ASP C 352 10.44 15.81 -24.33
CA ASP C 352 11.21 14.75 -23.69
C ASP C 352 12.44 14.38 -24.52
N ASN C 353 12.32 14.43 -25.85
CA ASN C 353 13.51 14.22 -26.66
C ASN C 353 14.57 15.29 -26.42
N TYR C 354 14.16 16.46 -25.90
CA TYR C 354 15.09 17.48 -25.45
C TYR C 354 15.49 17.31 -23.98
N GLY C 355 15.21 16.15 -23.39
CA GLY C 355 15.49 15.92 -21.99
C GLY C 355 14.47 16.48 -21.02
N ILE C 356 13.48 17.22 -21.50
CA ILE C 356 12.48 17.83 -20.64
C ILE C 356 11.35 16.83 -20.42
N ALA C 357 10.96 16.64 -19.17
CA ALA C 357 9.92 15.68 -18.80
C ALA C 357 8.69 16.43 -18.32
N VAL C 358 7.63 16.41 -19.14
CA VAL C 358 6.33 16.96 -18.78
C VAL C 358 5.29 15.87 -18.97
N ARG C 359 4.17 16.00 -18.28
CA ARG C 359 3.09 15.03 -18.39
C ARG C 359 2.13 15.47 -19.49
N THR C 360 1.63 14.50 -20.28
CA THR C 360 0.79 14.78 -21.43
C THR C 360 -0.43 13.87 -21.40
N GLY C 361 -1.61 14.44 -21.65
CA GLY C 361 -2.84 13.66 -21.67
C GLY C 361 -3.97 14.26 -20.87
N HIS C 362 -4.79 13.43 -20.20
CA HIS C 362 -5.92 13.93 -19.44
C HIS C 362 -5.61 14.11 -17.95
N HIS C 363 -4.51 13.56 -17.46
CA HIS C 363 -4.08 13.78 -16.08
C HIS C 363 -5.12 13.34 -15.04
N CSS C 364 -5.82 12.25 -15.32
CA CSS C 364 -6.78 11.70 -14.39
CB CSS C 364 -6.18 11.11 -13.11
SG CSS C 364 -4.72 10.18 -13.34
SD CSS C 364 -5.35 8.31 -14.09
C CSS C 364 -7.79 12.77 -13.98
O CSS C 364 -8.27 12.86 -12.84
N ALA C 365 -8.12 13.61 -14.95
CA ALA C 365 -9.10 14.68 -14.74
C ALA C 365 -9.84 14.98 -16.04
N MET C 366 -10.53 13.96 -16.55
CA MET C 366 -11.18 14.02 -17.86
C MET C 366 -12.36 14.99 -17.91
N PRO C 367 -13.16 15.09 -16.84
CA PRO C 367 -14.23 16.10 -16.85
C PRO C 367 -13.70 17.51 -17.07
N LEU C 368 -12.54 17.83 -16.50
CA LEU C 368 -11.89 19.10 -16.79
C LEU C 368 -11.64 19.25 -18.29
N MET C 369 -11.06 18.21 -18.92
CA MET C 369 -10.82 18.24 -20.36
C MET C 369 -12.12 18.54 -21.12
N ALA C 370 -13.15 17.72 -20.87
CA ALA C 370 -14.41 17.89 -21.59
C ALA C 370 -14.97 19.29 -21.39
N TYR C 371 -14.80 19.86 -20.19
CA TYR C 371 -15.18 21.26 -20.00
C TYR C 371 -14.40 22.16 -20.94
N TYR C 372 -13.08 22.01 -20.96
CA TYR C 372 -12.21 22.84 -21.78
C TYR C 372 -12.26 22.49 -23.27
N ASN C 373 -13.05 21.50 -23.67
CA ASN C 373 -13.26 21.18 -25.08
C ASN C 373 -11.97 20.68 -25.75
N VAL C 374 -11.07 20.07 -25.00
CA VAL C 374 -9.82 19.56 -25.56
C VAL C 374 -9.73 18.05 -25.32
N PRO C 375 -8.80 17.35 -25.97
CA PRO C 375 -8.64 15.92 -25.70
C PRO C 375 -7.56 15.66 -24.66
N ALA C 376 -6.58 16.55 -24.57
CA ALA C 376 -5.50 16.40 -23.61
C ALA C 376 -4.86 17.76 -23.36
N MET C 377 -3.86 17.77 -22.49
CA MET C 377 -3.09 18.96 -22.17
C MET C 377 -1.66 18.54 -21.85
N CYS C 378 -0.78 19.53 -21.78
CA CYS C 378 0.59 19.34 -21.33
C CYS C 378 0.73 20.07 -20.01
N ARG C 379 1.07 19.33 -18.96
CA ARG C 379 1.34 19.91 -17.66
C ARG C 379 2.84 19.84 -17.38
N ALA C 380 3.37 20.93 -16.83
CA ALA C 380 4.72 21.00 -16.30
C ALA C 380 4.63 21.37 -14.82
N SER C 381 5.44 20.72 -14.00
CA SER C 381 5.47 20.94 -12.57
C SER C 381 6.67 21.80 -12.19
N LEU C 382 6.44 22.79 -11.34
CA LEU C 382 7.51 23.66 -10.83
C LEU C 382 7.74 23.32 -9.36
N ALA C 383 8.55 22.28 -9.14
CA ALA C 383 8.87 21.85 -7.79
C ALA C 383 9.94 22.74 -7.17
N MET C 384 10.20 22.50 -5.88
CA MET C 384 11.17 23.31 -5.15
C MET C 384 12.60 23.12 -5.66
N TYR C 385 12.86 22.04 -6.40
CA TYR C 385 14.20 21.76 -6.91
C TYR C 385 14.39 22.16 -8.37
N ASN C 386 13.40 22.82 -8.98
CA ASN C 386 13.54 23.28 -10.35
C ASN C 386 14.13 24.68 -10.40
N THR C 387 14.82 24.99 -11.49
CA THR C 387 15.58 26.21 -11.63
C THR C 387 15.03 27.08 -12.76
N HIS C 388 15.42 28.36 -12.76
CA HIS C 388 15.09 29.24 -13.87
C HIS C 388 15.61 28.66 -15.18
N GLU C 389 16.78 28.03 -15.14
CA GLU C 389 17.37 27.47 -16.35
C GLU C 389 16.48 26.39 -16.96
N GLU C 390 15.79 25.60 -16.12
CA GLU C 390 14.84 24.63 -16.66
C GLU C 390 13.62 25.30 -17.28
N VAL C 391 13.16 26.42 -16.71
CA VAL C 391 12.10 27.19 -17.36
C VAL C 391 12.55 27.68 -18.72
N ASP C 392 13.80 28.15 -18.81
CA ASP C 392 14.33 28.60 -20.09
C ASP C 392 14.42 27.45 -21.09
N ARG C 393 14.85 26.27 -20.63
CA ARG C 393 14.88 25.10 -21.50
C ARG C 393 13.49 24.74 -22.01
N LEU C 394 12.48 24.88 -21.15
CA LEU C 394 11.13 24.55 -21.60
C LEU C 394 10.60 25.56 -22.61
N VAL C 395 10.86 26.85 -22.38
CA VAL C 395 10.45 27.85 -23.36
C VAL C 395 11.18 27.62 -24.69
N THR C 396 12.47 27.27 -24.61
CA THR C 396 13.25 26.96 -25.80
C THR C 396 12.63 25.78 -26.57
N GLY C 397 12.32 24.70 -25.86
CA GLY C 397 11.72 23.55 -26.52
C GLY C 397 10.37 23.86 -27.14
N LEU C 398 9.55 24.64 -26.43
CA LEU C 398 8.24 25.01 -26.97
C LEU C 398 8.39 25.86 -28.23
N GLN C 399 9.35 26.80 -28.24
CA GLN C 399 9.55 27.61 -29.43
C GLN C 399 10.08 26.78 -30.61
N ARG C 400 11.04 25.87 -30.34
CA ARG C 400 11.58 25.06 -31.42
C ARG C 400 10.51 24.10 -31.96
N ILE C 401 9.65 23.59 -31.09
CA ILE C 401 8.55 22.73 -31.54
C ILE C 401 7.57 23.54 -32.38
N HIS C 402 7.24 24.75 -31.92
CA HIS C 402 6.35 25.61 -32.69
C HIS C 402 6.90 25.85 -34.09
N ARG C 403 8.20 26.07 -34.20
CA ARG C 403 8.81 26.21 -35.53
C ARG C 403 8.69 24.90 -36.31
N LEU C 404 9.31 23.82 -35.81
CA LEU C 404 9.33 22.57 -36.55
C LEU C 404 7.95 21.99 -36.85
N LEU C 405 6.90 22.54 -36.26
CA LEU C 405 5.56 22.02 -36.50
C LEU C 405 4.60 23.15 -36.90
N LEU D 3 1.48 10.13 -52.29
CA LEU D 3 1.23 8.85 -51.61
C LEU D 3 2.42 8.45 -50.74
N LEU D 4 2.30 7.28 -50.11
CA LEU D 4 3.24 6.67 -49.17
C LEU D 4 4.21 5.75 -49.91
N PRO D 5 5.47 5.73 -49.50
CA PRO D 5 6.44 4.82 -50.12
C PRO D 5 6.24 3.40 -49.64
N ASP D 6 6.82 2.47 -50.39
CA ASP D 6 6.75 1.06 -50.03
C ASP D 6 7.69 0.76 -48.86
N LYS D 7 7.51 -0.41 -48.27
CA LYS D 7 8.29 -0.78 -47.09
C LYS D 7 9.78 -0.67 -47.35
N GLU D 8 10.22 -1.01 -48.58
CA GLU D 8 11.62 -0.90 -48.93
C GLU D 8 12.09 0.55 -48.93
N LYS D 9 11.43 1.39 -49.72
CA LYS D 9 11.78 2.81 -49.74
C LYS D 9 11.57 3.46 -48.39
N LEU D 10 10.55 3.01 -47.65
CA LEU D 10 10.31 3.55 -46.31
C LEU D 10 11.50 3.30 -45.40
N LEU D 11 11.91 2.03 -45.27
CA LEU D 11 13.04 1.72 -44.40
C LEU D 11 14.31 2.42 -44.89
N ARG D 12 14.51 2.49 -46.21
CA ARG D 12 15.70 3.15 -46.74
C ARG D 12 15.72 4.62 -46.35
N ASN D 13 14.68 5.37 -46.73
CA ASN D 13 14.65 6.80 -46.43
C ASN D 13 14.62 7.06 -44.92
N PHE D 14 14.17 6.10 -44.12
CA PHE D 14 14.19 6.27 -42.68
C PHE D 14 15.61 6.13 -42.13
N LEU D 15 16.29 5.05 -42.52
CA LEU D 15 17.68 4.87 -42.09
C LEU D 15 18.57 5.99 -42.62
N ARG D 16 18.19 6.60 -43.74
CA ARG D 16 18.94 7.73 -44.28
C ARG D 16 18.82 8.99 -43.43
N CYS D 17 17.89 9.02 -42.47
CA CYS D 17 17.77 10.18 -41.60
C CYS D 17 19.04 10.34 -40.77
N ALA D 18 19.42 11.60 -40.54
CA ALA D 18 20.69 11.88 -39.86
C ALA D 18 20.56 11.84 -38.34
N ASN D 19 19.39 12.17 -37.81
CA ASN D 19 19.17 12.15 -36.38
C ASN D 19 17.72 11.74 -36.10
N TRP D 20 17.37 11.69 -34.81
CA TRP D 20 16.03 11.25 -34.43
C TRP D 20 14.97 12.32 -34.69
N GLU D 21 15.33 13.60 -34.63
CA GLU D 21 14.37 14.64 -34.95
C GLU D 21 13.84 14.48 -36.37
N GLU D 22 14.74 14.25 -37.31
CA GLU D 22 14.32 14.04 -38.69
C GLU D 22 13.43 12.81 -38.80
N LYS D 23 13.74 11.76 -38.04
CA LYS D 23 12.92 10.55 -38.08
C LYS D 23 11.50 10.83 -37.58
N TYR D 24 11.39 11.53 -36.45
CA TYR D 24 10.06 11.84 -35.91
C TYR D 24 9.29 12.75 -36.86
N LEU D 25 9.97 13.72 -37.46
CA LEU D 25 9.27 14.62 -38.38
C LEU D 25 8.84 13.88 -39.64
N TYR D 26 9.67 12.96 -40.12
CA TYR D 26 9.29 12.13 -41.27
C TYR D 26 8.09 11.27 -40.94
N ILE D 27 8.00 10.78 -39.70
CA ILE D 27 6.83 10.02 -39.29
C ILE D 27 5.59 10.90 -39.25
N ILE D 28 5.72 12.10 -38.68
CA ILE D 28 4.58 13.03 -38.67
C ILE D 28 4.11 13.32 -40.09
N GLU D 29 5.07 13.49 -41.02
CA GLU D 29 4.72 13.78 -42.41
C GLU D 29 4.01 12.59 -43.06
N LEU D 30 4.60 11.40 -42.96
CA LEU D 30 3.94 10.19 -43.46
C LEU D 30 2.51 10.13 -42.99
N GLY D 31 2.28 10.39 -41.69
CA GLY D 31 0.92 10.48 -41.21
C GLY D 31 0.11 11.54 -41.95
N GLN D 32 0.73 12.69 -42.20
CA GLN D 32 0.04 13.76 -42.93
C GLN D 32 -0.41 13.31 -44.31
N ARG D 33 0.33 12.37 -44.91
CA ARG D 33 0.00 11.92 -46.27
C ARG D 33 -1.25 11.04 -46.32
N LEU D 34 -1.63 10.43 -45.20
CA LEU D 34 -2.75 9.50 -45.20
C LEU D 34 -4.03 10.21 -45.66
N PRO D 35 -4.78 9.62 -46.59
CA PRO D 35 -6.02 10.28 -47.07
C PRO D 35 -7.02 10.44 -45.93
N GLU D 36 -7.91 11.43 -46.11
CA GLU D 36 -8.87 11.75 -45.06
C GLU D 36 -9.85 10.61 -44.84
N LEU D 37 -10.24 10.43 -43.59
CA LEU D 37 -11.17 9.37 -43.20
C LEU D 37 -12.60 9.88 -43.27
N ARG D 38 -13.49 9.06 -43.82
CA ARG D 38 -14.89 9.43 -43.90
C ARG D 38 -15.45 9.68 -42.50
N ASP D 39 -16.20 10.77 -42.35
CA ASP D 39 -16.76 11.10 -41.04
C ASP D 39 -17.64 9.98 -40.52
N GLU D 40 -18.22 9.18 -41.41
CA GLU D 40 -18.97 8.01 -40.98
C GLU D 40 -18.03 6.99 -40.33
N ASP D 41 -16.90 6.72 -40.99
CA ASP D 41 -15.94 5.74 -40.47
C ASP D 41 -15.32 6.18 -39.16
N ARG D 42 -15.30 7.48 -38.87
CA ARG D 42 -14.77 7.98 -37.60
C ARG D 42 -15.80 7.80 -36.49
N SER D 43 -16.09 6.53 -36.20
CA SER D 43 -17.08 6.12 -35.22
C SER D 43 -16.48 5.13 -34.25
N PRO D 44 -17.19 4.82 -33.15
CA PRO D 44 -16.64 3.87 -32.18
C PRO D 44 -16.40 2.48 -32.76
N GLN D 45 -17.23 2.02 -33.69
CA GLN D 45 -17.03 0.71 -34.28
C GLN D 45 -15.64 0.56 -34.88
N ASN D 46 -15.05 1.66 -35.34
CA ASN D 46 -13.72 1.64 -35.95
C ASN D 46 -12.65 2.24 -35.04
N SER D 47 -12.97 2.55 -33.79
CA SER D 47 -11.99 3.13 -32.89
C SER D 47 -11.07 2.06 -32.34
N ILE D 48 -9.81 2.44 -32.14
CA ILE D 48 -8.83 1.57 -31.50
C ILE D 48 -8.51 2.14 -30.12
N GLN D 49 -8.02 1.27 -29.25
CA GLN D 49 -7.77 1.63 -27.86
C GLN D 49 -6.37 1.17 -27.46
N GLY D 50 -5.78 1.90 -26.51
CA GLY D 50 -4.49 1.56 -25.98
C GLY D 50 -3.32 2.38 -26.49
N ALA D 51 -3.57 3.30 -27.42
CA ALA D 51 -2.50 4.12 -27.99
C ALA D 51 -2.41 5.49 -27.34
N GLN D 52 -3.18 5.75 -26.30
CA GLN D 52 -3.17 7.01 -25.54
C GLN D 52 -3.73 8.19 -26.34
N SER D 53 -4.28 7.94 -27.52
CA SER D 53 -4.88 8.98 -28.33
C SER D 53 -5.88 8.37 -29.28
N GLN D 54 -6.92 9.13 -29.61
CA GLN D 54 -7.97 8.64 -30.48
C GLN D 54 -7.37 8.07 -31.76
N VAL D 55 -7.74 6.84 -32.09
CA VAL D 55 -7.23 6.17 -33.27
C VAL D 55 -8.36 5.39 -33.92
N TRP D 56 -8.54 5.60 -35.23
CA TRP D 56 -9.52 4.87 -36.02
C TRP D 56 -8.80 4.17 -37.17
N ILE D 57 -9.14 2.90 -37.37
CA ILE D 57 -8.51 2.05 -38.38
C ILE D 57 -9.61 1.17 -38.96
N VAL D 58 -9.99 1.43 -40.21
CA VAL D 58 -11.00 0.65 -40.92
C VAL D 58 -10.29 -0.22 -41.97
N MET D 59 -10.64 -1.50 -41.99
CA MET D 59 -10.05 -2.47 -42.92
C MET D 59 -11.19 -3.08 -43.72
N ARG D 60 -11.00 -3.18 -45.05
CA ARG D 60 -12.05 -3.74 -45.88
C ARG D 60 -11.45 -4.31 -47.16
N GLN D 61 -11.94 -5.47 -47.58
CA GLN D 61 -11.45 -6.10 -48.81
C GLN D 61 -12.09 -5.42 -50.02
N ASN D 62 -11.25 -5.05 -50.99
CA ASN D 62 -11.72 -4.39 -52.20
C ASN D 62 -12.46 -5.38 -53.10
N ALA D 63 -12.60 -5.02 -54.38
CA ALA D 63 -13.25 -5.91 -55.35
C ALA D 63 -12.55 -7.27 -55.46
N GLN D 64 -11.40 -7.43 -54.83
CA GLN D 64 -10.64 -8.67 -54.80
C GLN D 64 -10.39 -9.06 -53.35
N GLY D 65 -9.66 -10.17 -53.17
CA GLY D 65 -9.25 -10.58 -51.86
C GLY D 65 -8.19 -9.70 -51.22
N ILE D 66 -7.94 -8.52 -51.80
CA ILE D 66 -6.92 -7.59 -51.32
C ILE D 66 -7.55 -6.68 -50.28
N ILE D 67 -6.74 -6.29 -49.28
CA ILE D 67 -7.21 -5.49 -48.14
C ILE D 67 -6.84 -4.03 -48.32
N GLU D 68 -7.79 -3.14 -48.04
CA GLU D 68 -7.61 -1.70 -48.11
C GLU D 68 -7.80 -1.15 -46.71
N LEU D 69 -6.87 -0.30 -46.29
CA LEU D 69 -6.85 0.25 -44.93
C LEU D 69 -7.01 1.76 -45.00
N GLN D 70 -7.86 2.29 -44.13
CA GLN D 70 -7.97 3.72 -43.91
C GLN D 70 -7.77 3.99 -42.42
N GLY D 71 -7.16 5.14 -42.11
CA GLY D 71 -6.85 5.41 -40.72
C GLY D 71 -6.78 6.88 -40.41
N ASP D 72 -6.84 7.18 -39.11
CA ASP D 72 -6.67 8.54 -38.61
C ASP D 72 -6.40 8.48 -37.12
N SER D 73 -5.81 9.55 -36.60
CA SER D 73 -5.51 9.66 -35.18
C SER D 73 -5.38 11.13 -34.82
N ASP D 74 -6.05 11.54 -33.74
CA ASP D 74 -5.98 12.92 -33.29
C ASP D 74 -4.55 13.37 -33.00
N ALA D 75 -3.58 12.45 -32.96
CA ALA D 75 -2.19 12.77 -32.68
C ALA D 75 -1.36 12.63 -33.95
N ALA D 76 -0.46 13.59 -34.16
CA ALA D 76 0.36 13.59 -35.36
C ALA D 76 1.21 12.32 -35.46
N ILE D 77 2.06 12.07 -34.47
CA ILE D 77 2.96 10.92 -34.54
C ILE D 77 2.17 9.62 -34.59
N VAL D 78 1.00 9.58 -33.95
CA VAL D 78 0.17 8.38 -34.03
C VAL D 78 -0.29 8.14 -35.45
N LYS D 79 -0.71 9.20 -36.14
CA LYS D 79 -1.09 9.07 -37.54
C LYS D 79 0.10 8.61 -38.38
N GLY D 80 1.29 9.13 -38.08
CA GLY D 80 2.47 8.69 -38.81
C GLY D 80 2.75 7.21 -38.61
N LEU D 81 2.56 6.72 -37.40
CA LEU D 81 2.72 5.29 -37.16
C LEU D 81 1.64 4.48 -37.88
N ILE D 82 0.41 5.02 -37.93
CA ILE D 82 -0.64 4.38 -38.72
C ILE D 82 -0.16 4.20 -40.16
N ALA D 83 0.43 5.27 -40.71
CA ALA D 83 0.92 5.22 -42.09
C ALA D 83 2.04 4.20 -42.24
N VAL D 84 2.98 4.18 -41.28
CA VAL D 84 4.05 3.18 -41.31
C VAL D 84 3.46 1.78 -41.39
N VAL D 85 2.47 1.50 -40.54
CA VAL D 85 1.82 0.19 -40.58
C VAL D 85 1.22 -0.07 -41.96
N PHE D 86 0.37 0.86 -42.43
CA PHE D 86 -0.24 0.70 -43.74
C PHE D 86 0.79 0.37 -44.79
N ILE D 87 1.97 0.98 -44.70
CA ILE D 87 3.06 0.67 -45.63
C ILE D 87 3.51 -0.77 -45.46
N LEU D 88 3.77 -1.17 -44.21
CA LEU D 88 4.25 -2.53 -43.95
C LEU D 88 3.22 -3.58 -44.36
N TYR D 89 1.93 -3.25 -44.27
CA TYR D 89 0.86 -4.17 -44.67
C TYR D 89 0.23 -3.79 -46.01
N ASP D 90 0.98 -3.13 -46.89
CA ASP D 90 0.42 -2.66 -48.14
C ASP D 90 0.32 -3.79 -49.16
N GLN D 91 -0.82 -3.86 -49.85
CA GLN D 91 -1.03 -4.78 -50.97
C GLN D 91 -0.83 -6.24 -50.56
N MET D 92 -1.66 -6.68 -49.62
CA MET D 92 -1.60 -8.05 -49.11
C MET D 92 -3.01 -8.53 -48.79
N THR D 93 -3.24 -9.82 -48.99
CA THR D 93 -4.52 -10.42 -48.66
C THR D 93 -4.59 -10.65 -47.16
N PRO D 94 -5.77 -10.98 -46.63
CA PRO D 94 -5.88 -11.25 -45.19
C PRO D 94 -4.86 -12.27 -44.69
N GLN D 95 -4.64 -13.35 -45.43
CA GLN D 95 -3.67 -14.35 -45.00
C GLN D 95 -2.24 -13.81 -45.06
N ASP D 96 -1.93 -13.03 -46.10
CA ASP D 96 -0.60 -12.44 -46.19
C ASP D 96 -0.33 -11.49 -45.04
N ILE D 97 -1.36 -10.77 -44.57
CA ILE D 97 -1.20 -9.93 -43.39
C ILE D 97 -1.04 -10.80 -42.14
N VAL D 98 -1.80 -11.90 -42.08
CA VAL D 98 -1.71 -12.79 -40.92
C VAL D 98 -0.31 -13.38 -40.79
N ASN D 99 0.36 -13.64 -41.91
CA ASN D 99 1.64 -14.34 -41.91
C ASN D 99 2.85 -13.48 -42.20
N PHE D 100 2.71 -12.15 -42.18
CA PHE D 100 3.83 -11.26 -42.45
C PHE D 100 4.47 -10.82 -41.14
N ASP D 101 5.80 -10.95 -41.05
CA ASP D 101 6.55 -10.67 -39.84
C ASP D 101 7.03 -9.23 -39.87
N VAL D 102 6.29 -8.33 -39.21
CA VAL D 102 6.66 -6.92 -39.16
C VAL D 102 7.82 -6.64 -38.21
N ARG D 103 8.17 -7.60 -37.35
CA ARG D 103 9.16 -7.34 -36.31
C ARG D 103 10.52 -6.91 -36.87
N PRO D 104 11.13 -7.62 -37.81
CA PRO D 104 12.45 -7.19 -38.29
C PRO D 104 12.45 -5.80 -38.88
N TRP D 105 11.34 -5.38 -39.49
CA TRP D 105 11.26 -4.03 -40.05
C TRP D 105 11.37 -2.98 -38.94
N PHE D 106 10.56 -3.12 -37.89
CA PHE D 106 10.63 -2.16 -36.79
C PHE D 106 11.99 -2.22 -36.10
N CYS D 107 12.59 -3.41 -36.00
CA CYS D 107 13.91 -3.51 -35.39
C CYS D 107 14.95 -2.76 -36.22
N LYS D 108 14.90 -2.92 -37.55
CA LYS D 108 15.78 -2.14 -38.41
C LYS D 108 15.44 -0.66 -38.40
N MET D 109 14.25 -0.30 -37.94
CA MET D 109 13.89 1.10 -37.72
C MET D 109 14.09 1.55 -36.28
N ALA D 110 14.28 0.61 -35.35
CA ALA D 110 14.56 0.91 -33.95
C ALA D 110 13.56 1.92 -33.37
N LEU D 111 12.29 1.50 -33.34
CA LEU D 111 11.22 2.37 -32.86
C LEU D 111 10.96 2.19 -31.37
N THR D 112 11.05 0.96 -30.86
CA THR D 112 10.85 0.73 -29.44
C THR D 112 11.96 1.33 -28.59
N GLN D 113 13.11 1.63 -29.17
CA GLN D 113 14.24 2.19 -28.43
C GLN D 113 14.26 3.71 -28.45
N HIS D 114 13.47 4.35 -29.30
CA HIS D 114 13.39 5.80 -29.37
C HIS D 114 12.03 6.36 -29.00
N LEU D 115 11.03 5.51 -28.75
CA LEU D 115 9.69 5.96 -28.39
C LEU D 115 9.30 5.50 -26.98
N SER D 120 5.31 2.90 -27.35
CA SER D 120 5.83 1.59 -27.74
C SER D 120 4.70 0.57 -27.85
N GLN D 121 3.64 0.79 -27.05
CA GLN D 121 2.53 -0.15 -26.93
C GLN D 121 1.36 0.18 -27.84
N GLY D 122 1.15 1.44 -28.19
CA GLY D 122 0.05 1.79 -29.07
C GLY D 122 0.20 1.18 -30.45
N LEU D 123 1.43 1.19 -30.98
CA LEU D 123 1.68 0.56 -32.27
C LEU D 123 1.46 -0.95 -32.19
N GLU D 124 1.86 -1.55 -31.06
CA GLU D 124 1.56 -2.96 -30.85
C GLU D 124 0.06 -3.22 -30.87
N ALA D 125 -0.72 -2.35 -30.24
CA ALA D 125 -2.18 -2.52 -30.22
C ALA D 125 -2.77 -2.36 -31.62
N MET D 126 -2.29 -1.37 -32.37
CA MET D 126 -2.77 -1.21 -33.75
C MET D 126 -2.46 -2.46 -34.59
N ILE D 127 -1.24 -2.97 -34.48
CA ILE D 127 -0.87 -4.17 -35.23
C ILE D 127 -1.75 -5.34 -34.82
N ARG D 128 -2.04 -5.46 -33.51
CA ARG D 128 -2.89 -6.55 -33.06
C ARG D 128 -4.30 -6.41 -33.62
N ALA D 129 -4.84 -5.19 -33.66
CA ALA D 129 -6.17 -5.00 -34.22
C ALA D 129 -6.21 -5.37 -35.69
N ILE D 130 -5.20 -4.93 -36.45
CA ILE D 130 -5.14 -5.24 -37.87
C ILE D 130 -5.02 -6.74 -38.09
N ARG D 131 -4.21 -7.41 -37.27
CA ARG D 131 -4.04 -8.85 -37.42
C ARG D 131 -5.32 -9.59 -37.04
N ALA D 132 -6.05 -9.09 -36.04
CA ALA D 132 -7.33 -9.69 -35.69
C ALA D 132 -8.32 -9.56 -36.83
N LYS D 133 -8.39 -8.37 -37.45
CA LYS D 133 -9.25 -8.21 -38.62
C LYS D 133 -8.85 -9.17 -39.73
N ALA D 134 -7.56 -9.22 -40.06
CA ALA D 134 -7.08 -10.07 -41.13
C ALA D 134 -7.39 -11.54 -40.86
N ALA D 135 -7.25 -11.98 -39.60
CA ALA D 135 -7.56 -13.36 -39.27
C ALA D 135 -9.05 -13.63 -39.34
N ALA D 136 -9.87 -12.70 -38.86
CA ALA D 136 -11.31 -12.84 -39.00
C ALA D 136 -11.72 -12.98 -40.46
N LEU D 137 -11.02 -12.27 -41.35
CA LEU D 137 -11.25 -12.42 -42.78
C LEU D 137 -10.54 -13.67 -43.31
#